data_8QC5
#
_entry.id   8QC5
#
_cell.length_a   56.863
_cell.length_b   72.817
_cell.length_c   197.307
_cell.angle_alpha   90.00
_cell.angle_beta   90.00
_cell.angle_gamma   90.00
#
_symmetry.space_group_name_H-M   'P 21 21 21'
#
loop_
_entity.id
_entity.type
_entity.pdbx_description
1 polymer Oxidoreductase
2 non-polymer NICOTINAMIDE-ADENINE-DINUCLEOTIDE
3 non-polymer 'CITRIC ACID'
4 water water
#
_entity_poly.entity_id   1
_entity_poly.type   'polypeptide(L)'
_entity_poly.pdbx_seq_one_letter_code
;MGSSHHHHHHSSGMSLPTAEAVRTIRYGLIGAGHMAREHVRNLALIPGSLITAVSDPQPSSLEETVAEIGYEVTTFPDHR
ELLVSGLVDALVIASPNDTHLDILKDIFSNQMKLPVLVEKPVCTTAAQADELESLAAGYSAPVWVAMEYRYMPPVQELIQ
AAHGGKLGNVFMLSIVEHRFPFLHKVDAWNRFNERTGGTLVEKCCHFFDLMRLILQDEPTRIYASGGHDVNHMDELYEGR
VSDMIDNAYVVVDFKSGRRAMLELSMFAEGSKFQERISIVGDAAKIECLIPVAASHWIEGDESEAVVEFSPRSPLGPETH
EVPVDEAVLAAGAHHGSTYYEHLGYRKAILGEGPVEVTVADGLQSVRMGLAAERSIIEGRPVELLSANSAVS
;
_entity_poly.pdbx_strand_id   A,B
#
# COMPACT_ATOMS: atom_id res chain seq x y z
N ALA A 21 41.50 0.82 24.67
CA ALA A 21 42.00 -0.42 24.02
C ALA A 21 40.98 -0.91 23.00
N VAL A 22 41.34 -0.82 21.73
CA VAL A 22 40.55 -1.45 20.70
C VAL A 22 40.86 -2.94 20.71
N ARG A 23 39.83 -3.75 20.88
CA ARG A 23 39.94 -5.18 20.75
C ARG A 23 39.93 -5.54 19.26
N THR A 24 40.91 -6.31 18.78
CA THR A 24 40.95 -6.66 17.36
C THR A 24 40.17 -7.95 17.09
N ILE A 25 39.33 -7.91 16.06
CA ILE A 25 38.64 -9.11 15.58
C ILE A 25 39.17 -9.40 14.18
N ARG A 26 39.60 -10.65 14.00
CA ARG A 26 40.05 -11.12 12.69
C ARG A 26 38.85 -11.69 11.93
N TYR A 27 38.50 -11.04 10.81
CA TYR A 27 37.34 -11.43 10.01
C TYR A 27 37.78 -12.20 8.77
N GLY A 28 37.07 -13.31 8.52
CA GLY A 28 37.09 -14.04 7.26
C GLY A 28 35.84 -13.76 6.43
N LEU A 29 36.02 -13.33 5.16
CA LEU A 29 34.90 -13.09 4.26
C LEU A 29 34.79 -14.26 3.29
N ILE A 30 33.62 -14.93 3.25
CA ILE A 30 33.36 -16.02 2.32
C ILE A 30 32.39 -15.47 1.26
N GLY A 31 32.85 -15.35 0.02
CA GLY A 31 32.14 -14.62 -1.00
C GLY A 31 32.69 -13.20 -1.03
N ALA A 32 33.20 -12.76 -2.18
CA ALA A 32 33.95 -11.51 -2.25
C ALA A 32 33.47 -10.67 -3.42
N GLY A 33 32.15 -10.47 -3.49
CA GLY A 33 31.56 -9.67 -4.56
C GLY A 33 31.07 -8.31 -4.07
N HIS A 34 29.91 -7.92 -4.58
CA HIS A 34 29.34 -6.59 -4.36
C HIS A 34 29.07 -6.35 -2.88
N MET A 35 28.28 -7.21 -2.24
CA MET A 35 27.89 -6.96 -0.86
C MET A 35 29.10 -7.13 0.05
N ALA A 36 30.01 -8.05 -0.28
CA ALA A 36 31.26 -8.20 0.47
C ALA A 36 32.01 -6.87 0.52
N ARG A 37 32.06 -6.15 -0.60
CA ARG A 37 32.76 -4.87 -0.64
C ARG A 37 32.06 -3.83 0.24
N GLU A 38 30.71 -3.89 0.35
CA GLU A 38 29.99 -3.07 1.30
C GLU A 38 30.38 -3.45 2.73
N HIS A 39 30.44 -4.75 3.02
CA HIS A 39 30.88 -5.20 4.34
C HIS A 39 32.28 -4.62 4.64
N VAL A 40 33.18 -4.69 3.66
CA VAL A 40 34.54 -4.21 3.80
C VAL A 40 34.55 -2.72 4.18
N ARG A 41 33.83 -1.91 3.40
CA ARG A 41 33.84 -0.46 3.63
C ARG A 41 33.30 -0.14 5.02
N ASN A 42 32.33 -0.95 5.49
CA ASN A 42 31.71 -0.68 6.78
C ASN A 42 32.67 -1.10 7.91
N LEU A 43 33.32 -2.26 7.77
CA LEU A 43 34.29 -2.70 8.76
C LEU A 43 35.41 -1.67 8.88
N ALA A 44 35.76 -1.02 7.76
CA ALA A 44 36.81 -0.01 7.76
C ALA A 44 36.47 1.18 8.66
N LEU A 45 35.21 1.32 9.07
CA LEU A 45 34.79 2.43 9.91
C LEU A 45 34.77 2.01 11.38
N ILE A 46 35.10 0.75 11.66
CA ILE A 46 34.98 0.24 13.01
C ILE A 46 36.36 -0.21 13.51
N PRO A 47 37.02 0.58 14.38
CA PRO A 47 38.34 0.22 14.88
C PRO A 47 38.36 -1.20 15.47
N GLY A 48 39.45 -1.92 15.23
CA GLY A 48 39.58 -3.29 15.66
C GLY A 48 39.07 -4.31 14.64
N SER A 49 38.72 -3.84 13.44
CA SER A 49 38.15 -4.71 12.41
C SER A 49 39.22 -5.05 11.37
N LEU A 50 39.79 -6.26 11.50
CA LEU A 50 40.89 -6.64 10.62
C LEU A 50 40.45 -7.84 9.78
N ILE A 51 40.45 -7.64 8.47
CA ILE A 51 40.18 -8.74 7.57
C ILE A 51 41.49 -9.46 7.33
N THR A 52 41.49 -10.76 7.63
CA THR A 52 42.67 -11.56 7.51
C THR A 52 42.54 -12.58 6.39
N ALA A 53 41.30 -12.93 6.02
CA ALA A 53 41.07 -14.00 5.07
C ALA A 53 39.84 -13.72 4.21
N VAL A 54 39.95 -13.99 2.92
CA VAL A 54 38.87 -13.79 1.97
C VAL A 54 38.83 -15.00 1.03
N SER A 55 37.63 -15.54 0.79
CA SER A 55 37.44 -16.72 -0.04
C SER A 55 36.44 -16.41 -1.15
N ASP A 56 36.70 -16.93 -2.34
CA ASP A 56 35.82 -16.77 -3.49
C ASP A 56 36.37 -17.66 -4.61
N PRO A 57 35.52 -18.47 -5.30
CA PRO A 57 35.98 -19.28 -6.42
C PRO A 57 36.38 -18.49 -7.68
N GLN A 58 36.14 -17.17 -7.67
CA GLN A 58 36.44 -16.33 -8.83
C GLN A 58 37.54 -15.32 -8.47
N PRO A 59 38.77 -15.48 -9.01
CA PRO A 59 39.87 -14.55 -8.77
C PRO A 59 39.63 -13.10 -9.16
N SER A 60 38.79 -12.82 -10.17
CA SER A 60 38.47 -11.44 -10.51
C SER A 60 37.77 -10.77 -9.33
N SER A 61 36.93 -11.54 -8.62
CA SER A 61 36.24 -11.03 -7.44
C SER A 61 37.24 -10.76 -6.33
N LEU A 62 38.19 -11.69 -6.09
CA LEU A 62 39.17 -11.51 -5.03
C LEU A 62 39.99 -10.26 -5.30
N GLU A 63 40.35 -10.06 -6.56
CA GLU A 63 41.17 -8.93 -6.95
C GLU A 63 40.45 -7.62 -6.60
N GLU A 64 39.19 -7.52 -7.02
CA GLU A 64 38.36 -6.35 -6.74
C GLU A 64 38.25 -6.13 -5.23
N THR A 65 37.96 -7.19 -4.46
CA THR A 65 37.66 -7.05 -3.05
C THR A 65 38.92 -6.71 -2.26
N VAL A 66 40.06 -7.32 -2.62
CA VAL A 66 41.32 -7.00 -1.97
C VAL A 66 41.68 -5.53 -2.22
N ALA A 67 41.48 -5.04 -3.45
CA ALA A 67 41.73 -3.63 -3.72
C ALA A 67 40.88 -2.76 -2.81
N GLU A 68 39.62 -3.16 -2.58
CA GLU A 68 38.72 -2.40 -1.72
C GLU A 68 39.24 -2.42 -0.27
N ILE A 69 39.74 -3.58 0.18
CA ILE A 69 40.25 -3.71 1.55
C ILE A 69 41.42 -2.75 1.75
N GLY A 70 42.33 -2.71 0.78
CA GLY A 70 43.42 -1.75 0.78
C GLY A 70 44.66 -2.24 1.53
N TYR A 71 44.69 -3.49 1.98
CA TYR A 71 45.85 -4.03 2.66
C TYR A 71 45.85 -5.53 2.42
N GLU A 72 46.97 -6.19 2.75
CA GLU A 72 47.18 -7.57 2.34
C GLU A 72 46.38 -8.49 3.24
N VAL A 73 45.80 -9.51 2.63
CA VAL A 73 45.07 -10.56 3.32
C VAL A 73 45.46 -11.89 2.68
N THR A 74 45.13 -13.02 3.30
CA THR A 74 45.30 -14.33 2.68
C THR A 74 44.01 -14.65 1.92
N THR A 75 44.13 -15.14 0.68
CA THR A 75 42.97 -15.48 -0.11
C THR A 75 42.93 -16.98 -0.35
N PHE A 76 41.71 -17.49 -0.54
CA PHE A 76 41.46 -18.89 -0.76
C PHE A 76 40.37 -19.03 -1.81
N PRO A 77 40.50 -19.93 -2.79
CA PRO A 77 39.39 -20.18 -3.72
C PRO A 77 38.23 -20.90 -3.05
N ASP A 78 38.49 -21.66 -1.99
CA ASP A 78 37.47 -22.44 -1.31
C ASP A 78 37.47 -22.15 0.20
N HIS A 79 36.26 -21.89 0.74
CA HIS A 79 36.06 -21.53 2.14
C HIS A 79 36.54 -22.60 3.12
N ARG A 80 36.50 -23.87 2.70
CA ARG A 80 36.89 -24.95 3.61
C ARG A 80 38.36 -24.76 4.03
N GLU A 81 39.22 -24.26 3.13
CA GLU A 81 40.60 -23.99 3.49
C GLU A 81 40.64 -22.80 4.46
N LEU A 82 39.87 -21.75 4.19
CA LEU A 82 39.80 -20.59 5.08
C LEU A 82 39.39 -21.03 6.49
N LEU A 83 38.41 -21.94 6.60
CA LEU A 83 37.83 -22.33 7.87
C LEU A 83 38.85 -22.97 8.81
N VAL A 84 39.90 -23.61 8.27
CA VAL A 84 40.85 -24.35 9.10
C VAL A 84 42.21 -23.67 9.02
N SER A 85 42.22 -22.40 8.58
CA SER A 85 43.43 -21.65 8.35
C SER A 85 44.05 -21.15 9.65
N GLY A 86 43.24 -21.09 10.71
CA GLY A 86 43.68 -20.49 11.96
C GLY A 86 43.78 -18.97 11.89
N LEU A 87 43.28 -18.34 10.81
CA LEU A 87 43.46 -16.90 10.62
C LEU A 87 42.30 -16.07 11.16
N VAL A 88 41.19 -16.68 11.62
CA VAL A 88 39.94 -15.93 11.78
C VAL A 88 39.29 -16.15 13.14
N ASP A 89 38.63 -15.08 13.62
CA ASP A 89 37.80 -15.12 14.83
C ASP A 89 36.30 -15.10 14.51
N ALA A 90 35.94 -14.60 13.32
CA ALA A 90 34.55 -14.39 12.94
C ALA A 90 34.41 -14.42 11.42
N LEU A 91 33.24 -14.88 10.95
CA LEU A 91 32.97 -15.06 9.53
C LEU A 91 31.89 -14.11 9.04
N VAL A 92 31.99 -13.73 7.76
CA VAL A 92 30.92 -13.10 7.03
C VAL A 92 30.72 -13.86 5.72
N ILE A 93 29.47 -14.30 5.47
CA ILE A 93 29.10 -14.99 4.24
C ILE A 93 28.35 -14.02 3.33
N ALA A 94 28.89 -13.78 2.13
CA ALA A 94 28.28 -12.90 1.15
C ALA A 94 28.34 -13.56 -0.22
N SER A 95 28.08 -14.88 -0.21
CA SER A 95 28.00 -15.68 -1.42
C SER A 95 26.56 -15.72 -1.92
N PRO A 96 26.27 -16.31 -3.11
CA PRO A 96 24.89 -16.41 -3.60
C PRO A 96 23.99 -17.20 -2.66
N ASN A 97 22.71 -16.82 -2.66
CA ASN A 97 21.72 -17.23 -1.69
C ASN A 97 21.71 -18.75 -1.51
N ASP A 98 21.79 -19.47 -2.63
CA ASP A 98 21.59 -20.91 -2.58
C ASP A 98 22.84 -21.64 -2.08
N THR A 99 23.90 -20.90 -1.76
CA THR A 99 25.13 -21.50 -1.23
C THR A 99 25.22 -21.34 0.28
N HIS A 100 24.32 -20.54 0.89
CA HIS A 100 24.47 -20.20 2.29
C HIS A 100 24.40 -21.45 3.17
N LEU A 101 23.44 -22.33 2.91
CA LEU A 101 23.28 -23.50 3.76
C LEU A 101 24.50 -24.41 3.67
N ASP A 102 25.05 -24.62 2.46
CA ASP A 102 26.20 -25.50 2.30
C ASP A 102 27.39 -25.01 3.10
N ILE A 103 27.65 -23.70 3.02
CA ILE A 103 28.76 -23.09 3.72
C ILE A 103 28.49 -23.17 5.22
N LEU A 104 27.23 -22.96 5.65
CA LEU A 104 26.91 -23.02 7.06
C LEU A 104 27.17 -24.43 7.62
N LYS A 105 26.82 -25.45 6.84
CA LYS A 105 27.04 -26.83 7.23
C LYS A 105 28.52 -27.11 7.47
N ASP A 106 29.39 -26.59 6.60
CA ASP A 106 30.83 -26.76 6.77
C ASP A 106 31.26 -26.08 8.06
N ILE A 107 30.72 -24.89 8.33
CA ILE A 107 31.01 -24.18 9.57
C ILE A 107 30.53 -24.99 10.77
N PHE A 108 29.33 -25.58 10.69
CA PHE A 108 28.76 -26.30 11.81
C PHE A 108 29.54 -27.59 12.10
N SER A 109 30.14 -28.20 11.09
CA SER A 109 30.90 -29.44 11.23
C SER A 109 32.37 -29.17 11.62
N ASN A 110 32.83 -27.93 11.46
CA ASN A 110 34.16 -27.54 11.89
C ASN A 110 34.18 -27.54 13.41
N GLN A 111 35.35 -27.82 14.02
CA GLN A 111 35.43 -27.92 15.47
C GLN A 111 35.91 -26.61 16.06
N MET A 112 35.63 -25.48 15.38
CA MET A 112 36.23 -24.21 15.74
C MET A 112 35.20 -23.24 16.35
N LYS A 113 33.89 -23.50 16.17
CA LYS A 113 32.87 -22.66 16.76
C LYS A 113 33.16 -21.17 16.50
N LEU A 114 33.09 -20.78 15.22
CA LEU A 114 33.29 -19.40 14.81
C LEU A 114 31.94 -18.70 14.65
N PRO A 115 31.77 -17.49 15.21
CA PRO A 115 30.63 -16.66 14.86
C PRO A 115 30.51 -16.44 13.35
N VAL A 116 29.27 -16.35 12.87
CA VAL A 116 28.95 -16.12 11.47
C VAL A 116 27.90 -15.00 11.37
N LEU A 117 28.19 -14.03 10.51
CA LEU A 117 27.19 -13.15 9.92
C LEU A 117 26.86 -13.68 8.52
N VAL A 118 25.68 -14.29 8.35
CA VAL A 118 25.32 -14.91 7.08
C VAL A 118 24.32 -14.01 6.37
N GLU A 119 24.61 -13.68 5.11
CA GLU A 119 23.76 -12.73 4.39
C GLU A 119 22.36 -13.32 4.18
N LYS A 120 21.38 -12.42 4.08
CA LYS A 120 20.02 -12.79 3.73
C LYS A 120 19.99 -13.31 2.31
N PRO A 121 18.95 -14.02 1.87
CA PRO A 121 18.12 -14.87 2.72
C PRO A 121 19.03 -15.94 3.34
N VAL A 122 18.69 -16.38 4.54
CA VAL A 122 19.52 -17.38 5.20
C VAL A 122 19.49 -18.69 4.40
N CYS A 123 18.39 -18.97 3.70
CA CYS A 123 18.32 -20.11 2.80
C CYS A 123 17.24 -19.84 1.75
N THR A 124 17.04 -20.77 0.81
CA THR A 124 16.29 -20.49 -0.41
C THR A 124 15.11 -21.43 -0.66
N THR A 125 15.00 -22.53 0.10
CA THR A 125 13.90 -23.48 -0.09
C THR A 125 13.37 -23.93 1.25
N ALA A 126 12.19 -24.55 1.22
CA ALA A 126 11.55 -25.11 2.40
C ALA A 126 12.39 -26.24 2.98
N ALA A 127 12.98 -27.09 2.13
CA ALA A 127 13.80 -28.21 2.61
C ALA A 127 15.10 -27.69 3.24
N GLN A 128 15.67 -26.62 2.67
CA GLN A 128 16.84 -26.00 3.26
C GLN A 128 16.49 -25.47 4.64
N ALA A 129 15.32 -24.84 4.75
CA ALA A 129 14.91 -24.21 6.00
C ALA A 129 14.74 -25.28 7.07
N ASP A 130 14.08 -26.38 6.73
CA ASP A 130 13.87 -27.47 7.70
C ASP A 130 15.24 -27.98 8.16
N GLU A 131 16.17 -28.23 7.23
CA GLU A 131 17.47 -28.75 7.58
C GLU A 131 18.24 -27.74 8.43
N LEU A 132 18.28 -26.47 8.01
CA LEU A 132 19.01 -25.47 8.76
C LEU A 132 18.47 -25.39 10.20
N GLU A 133 17.15 -25.49 10.35
CA GLU A 133 16.53 -25.36 11.65
C GLU A 133 17.09 -26.40 12.62
N SER A 134 17.19 -27.69 12.21
CA SER A 134 17.74 -28.69 13.11
C SER A 134 19.21 -28.38 13.40
N LEU A 135 20.02 -28.14 12.36
CA LEU A 135 21.46 -28.00 12.55
C LEU A 135 21.84 -26.78 13.39
N ALA A 136 21.17 -25.64 13.20
CA ALA A 136 21.59 -24.41 13.87
C ALA A 136 21.42 -24.55 15.37
N ALA A 137 20.39 -25.30 15.77
CA ALA A 137 20.11 -25.56 17.17
C ALA A 137 21.31 -26.19 17.87
N GLY A 138 22.12 -26.99 17.14
CA GLY A 138 23.28 -27.65 17.72
C GLY A 138 24.60 -26.87 17.68
N TYR A 139 24.60 -25.65 17.12
CA TYR A 139 25.84 -24.89 16.98
C TYR A 139 25.96 -23.86 18.10
N SER A 140 27.12 -23.75 18.72
CA SER A 140 27.19 -23.02 19.98
C SER A 140 27.71 -21.59 19.81
N ALA A 141 28.09 -21.18 18.59
CA ALA A 141 28.57 -19.82 18.40
C ALA A 141 27.50 -18.96 17.74
N PRO A 142 27.55 -17.63 17.94
CA PRO A 142 26.59 -16.71 17.34
C PRO A 142 26.39 -16.92 15.84
N VAL A 143 25.14 -17.05 15.41
CA VAL A 143 24.80 -16.94 13.99
C VAL A 143 23.80 -15.79 13.80
N TRP A 144 24.25 -14.74 13.12
CA TRP A 144 23.47 -13.53 12.87
C TRP A 144 23.08 -13.51 11.40
N VAL A 145 21.78 -13.38 11.09
CA VAL A 145 21.33 -13.23 9.72
C VAL A 145 21.34 -11.74 9.35
N ALA A 146 22.03 -11.38 8.26
CA ALA A 146 22.42 -10.00 7.99
C ALA A 146 21.30 -9.21 7.32
N MET A 147 20.15 -9.15 7.99
CA MET A 147 19.05 -8.33 7.53
C MET A 147 19.14 -7.02 8.29
N GLU A 148 19.71 -6.00 7.64
CA GLU A 148 20.20 -4.81 8.31
C GLU A 148 19.20 -3.65 8.32
N TYR A 149 18.06 -3.76 7.63
CA TYR A 149 17.22 -2.60 7.36
C TYR A 149 16.70 -1.94 8.64
N ARG A 150 16.51 -2.73 9.71
CA ARG A 150 16.04 -2.19 10.98
C ARG A 150 16.97 -1.08 11.51
N TYR A 151 18.25 -1.08 11.10
CA TYR A 151 19.21 -0.15 11.64
C TYR A 151 19.26 1.14 10.81
N MET A 152 18.51 1.20 9.72
CA MET A 152 18.40 2.45 9.00
C MET A 152 17.82 3.46 9.99
N PRO A 153 18.52 4.58 10.29
CA PRO A 153 18.06 5.52 11.30
C PRO A 153 16.56 5.85 11.23
N PRO A 154 15.96 6.23 10.07
CA PRO A 154 14.52 6.47 10.05
C PRO A 154 13.69 5.26 10.45
N VAL A 155 14.11 4.06 10.07
CA VAL A 155 13.34 2.86 10.38
C VAL A 155 13.39 2.59 11.88
N GLN A 156 14.56 2.82 12.49
CA GLN A 156 14.71 2.60 13.94
C GLN A 156 13.78 3.58 14.68
N GLU A 157 13.60 4.81 14.18
CA GLU A 157 12.69 5.77 14.78
C GLU A 157 11.26 5.19 14.79
N LEU A 158 10.81 4.64 13.64
CA LEU A 158 9.47 4.08 13.52
C LEU A 158 9.31 2.90 14.48
N ILE A 159 10.34 2.05 14.56
CA ILE A 159 10.28 0.86 15.41
C ILE A 159 10.11 1.29 16.87
N GLN A 160 10.87 2.31 17.28
CA GLN A 160 10.84 2.77 18.66
C GLN A 160 9.49 3.40 18.97
N ALA A 161 8.97 4.20 18.04
CA ALA A 161 7.67 4.82 18.19
C ALA A 161 6.59 3.76 18.36
N ALA A 162 6.62 2.71 17.51
CA ALA A 162 5.65 1.64 17.59
C ALA A 162 5.79 0.90 18.91
N HIS A 163 7.02 0.47 19.23
CA HIS A 163 7.26 -0.34 20.42
C HIS A 163 7.00 0.48 21.67
N GLY A 164 7.21 1.81 21.60
CA GLY A 164 7.10 2.68 22.77
C GLY A 164 5.68 3.20 23.03
N GLY A 165 4.71 2.75 22.20
CA GLY A 165 3.31 3.10 22.39
C GLY A 165 2.91 4.46 21.82
N LYS A 166 3.80 5.20 21.14
CA LYS A 166 3.44 6.52 20.64
C LYS A 166 2.35 6.46 19.57
N LEU A 167 2.02 5.26 19.05
CA LEU A 167 0.98 5.12 18.04
C LEU A 167 -0.30 4.54 18.64
N GLY A 168 -0.26 4.25 19.94
CA GLY A 168 -1.32 3.49 20.60
C GLY A 168 -1.24 2.05 20.14
N ASN A 169 -2.35 1.32 20.16
CA ASN A 169 -2.36 -0.05 19.64
C ASN A 169 -2.12 -0.01 18.13
N VAL A 170 -1.15 -0.80 17.67
CA VAL A 170 -0.77 -0.84 16.26
C VAL A 170 -1.68 -1.83 15.53
N PHE A 171 -2.25 -1.42 14.39
CA PHE A 171 -3.12 -2.29 13.60
C PHE A 171 -2.56 -2.56 12.19
N MET A 172 -1.95 -1.54 11.56
CA MET A 172 -1.58 -1.68 10.16
C MET A 172 -0.12 -1.26 9.91
N LEU A 173 0.56 -2.02 9.03
CA LEU A 173 1.94 -1.75 8.65
C LEU A 173 2.04 -1.88 7.13
N SER A 174 2.28 -0.75 6.45
CA SER A 174 2.42 -0.73 5.01
C SER A 174 3.89 -0.52 4.66
N ILE A 175 4.44 -1.35 3.76
CA ILE A 175 5.81 -1.23 3.30
C ILE A 175 5.79 -1.18 1.78
N VAL A 176 6.35 -0.11 1.21
CA VAL A 176 6.36 0.07 -0.23
C VAL A 176 7.81 0.18 -0.70
N GLU A 177 8.25 -0.75 -1.56
CA GLU A 177 9.54 -0.57 -2.21
C GLU A 177 9.41 -0.41 -3.73
N HIS A 178 9.89 0.75 -4.20
CA HIS A 178 9.85 1.14 -5.60
C HIS A 178 11.29 1.37 -6.05
N ARG A 179 11.84 0.44 -6.85
CA ARG A 179 13.26 0.44 -7.17
C ARG A 179 13.53 -0.05 -8.59
N PHE A 180 14.82 -0.26 -8.90
CA PHE A 180 15.33 -0.65 -10.20
C PHE A 180 15.37 -2.18 -10.29
N PRO A 181 15.47 -2.75 -11.51
CA PRO A 181 15.57 -4.20 -11.69
C PRO A 181 16.81 -4.76 -10.98
N PHE A 182 16.76 -6.05 -10.62
CA PHE A 182 17.90 -6.69 -10.03
C PHE A 182 19.15 -6.46 -10.90
N LEU A 183 20.26 -6.11 -10.26
CA LEU A 183 21.51 -5.81 -10.94
C LEU A 183 22.11 -7.11 -11.50
N HIS A 184 23.00 -6.94 -12.48
CA HIS A 184 23.79 -8.03 -13.02
C HIS A 184 24.80 -8.49 -11.97
N LYS A 185 24.99 -9.81 -11.84
CA LYS A 185 25.84 -10.38 -10.81
C LYS A 185 26.80 -11.42 -11.42
N VAL A 186 27.79 -11.86 -10.64
CA VAL A 186 28.73 -12.90 -11.06
C VAL A 186 27.95 -14.17 -11.37
N ASP A 187 28.22 -14.75 -12.57
CA ASP A 187 27.54 -15.95 -13.04
C ASP A 187 26.02 -15.74 -13.17
N ALA A 188 25.57 -14.48 -13.25
CA ALA A 188 24.15 -14.17 -13.30
C ALA A 188 23.35 -15.00 -12.30
N TRP A 189 23.81 -15.09 -11.04
CA TRP A 189 23.22 -16.03 -10.08
C TRP A 189 21.81 -15.61 -9.65
N ASN A 190 21.45 -14.32 -9.78
CA ASN A 190 20.21 -13.79 -9.24
C ASN A 190 19.08 -13.70 -10.26
N ARG A 191 19.06 -14.55 -11.30
CA ARG A 191 18.06 -14.36 -12.36
C ARG A 191 16.96 -15.42 -12.29
N PHE A 192 17.16 -16.50 -11.52
CA PHE A 192 16.21 -17.61 -11.48
C PHE A 192 15.82 -17.89 -10.03
N ASN A 193 14.55 -18.27 -9.86
CA ASN A 193 13.99 -18.58 -8.56
C ASN A 193 14.78 -19.72 -7.92
N GLU A 194 15.28 -20.64 -8.75
CA GLU A 194 16.00 -21.82 -8.26
C GLU A 194 17.27 -21.42 -7.51
N ARG A 195 17.83 -20.22 -7.78
CA ARG A 195 19.06 -19.80 -7.11
C ARG A 195 18.79 -18.75 -6.04
N THR A 196 17.67 -18.04 -6.14
CA THR A 196 17.40 -16.87 -5.31
C THR A 196 16.41 -17.17 -4.20
N GLY A 197 15.54 -18.17 -4.42
CA GLY A 197 14.40 -18.45 -3.55
C GLY A 197 13.15 -17.68 -4.02
N GLY A 198 13.30 -16.90 -5.09
CA GLY A 198 12.24 -16.03 -5.58
C GLY A 198 12.45 -14.61 -5.13
N THR A 199 11.86 -13.66 -5.87
CA THR A 199 11.99 -12.24 -5.53
C THR A 199 11.56 -11.96 -4.08
N LEU A 200 10.46 -12.56 -3.64
CA LEU A 200 9.90 -12.23 -2.33
C LEU A 200 10.75 -12.85 -1.20
N VAL A 201 11.68 -13.73 -1.55
CA VAL A 201 12.66 -14.20 -0.59
C VAL A 201 13.92 -13.33 -0.69
N GLU A 202 14.46 -13.23 -1.89
CA GLU A 202 15.71 -12.53 -2.16
C GLU A 202 15.59 -11.06 -1.76
N LYS A 203 14.53 -10.37 -2.19
CA LYS A 203 14.47 -8.94 -1.95
C LYS A 203 13.56 -8.62 -0.75
N CYS A 204 12.58 -9.48 -0.44
CA CYS A 204 11.55 -9.10 0.51
C CYS A 204 11.66 -9.79 1.87
N CYS A 205 12.64 -10.67 2.07
CA CYS A 205 12.85 -11.22 3.41
C CYS A 205 13.01 -10.06 4.41
N HIS A 206 13.71 -8.98 4.02
CA HIS A 206 13.94 -7.82 4.84
C HIS A 206 12.62 -7.28 5.39
N PHE A 207 11.62 -7.22 4.51
CA PHE A 207 10.33 -6.63 4.83
C PHE A 207 9.48 -7.56 5.69
N PHE A 208 9.49 -8.85 5.41
CA PHE A 208 8.75 -9.80 6.25
C PHE A 208 9.32 -9.80 7.68
N ASP A 209 10.64 -9.68 7.78
CA ASP A 209 11.29 -9.62 9.08
C ASP A 209 10.90 -8.34 9.81
N LEU A 210 10.92 -7.18 9.12
CA LEU A 210 10.49 -5.93 9.74
C LEU A 210 9.04 -6.03 10.23
N MET A 211 8.20 -6.76 9.51
CA MET A 211 6.83 -6.93 9.94
C MET A 211 6.81 -7.61 11.32
N ARG A 212 7.56 -8.73 11.46
CA ARG A 212 7.55 -9.46 12.72
C ARG A 212 8.15 -8.57 13.82
N LEU A 213 9.19 -7.81 13.48
CA LEU A 213 9.86 -6.98 14.45
C LEU A 213 8.93 -5.87 14.95
N ILE A 214 8.37 -5.10 14.01
CA ILE A 214 7.55 -3.96 14.33
C ILE A 214 6.28 -4.40 15.08
N LEU A 215 5.59 -5.44 14.62
CA LEU A 215 4.30 -5.84 15.17
C LEU A 215 4.46 -6.78 16.36
N GLN A 216 5.67 -7.29 16.59
CA GLN A 216 5.93 -8.18 17.70
C GLN A 216 4.92 -9.32 17.74
N ASP A 217 4.80 -10.02 16.62
CA ASP A 217 3.78 -11.05 16.46
C ASP A 217 4.21 -11.95 15.32
N GLU A 218 3.53 -13.08 15.18
CA GLU A 218 3.85 -14.06 14.16
C GLU A 218 2.77 -14.06 13.09
N PRO A 219 3.11 -14.30 11.80
CA PRO A 219 2.11 -14.38 10.75
C PRO A 219 1.31 -15.68 10.82
N THR A 220 0.04 -15.62 10.41
CA THR A 220 -0.79 -16.80 10.33
C THR A 220 -1.15 -17.10 8.88
N ARG A 221 -1.15 -16.07 8.03
CA ARG A 221 -1.68 -16.22 6.68
C ARG A 221 -1.04 -15.19 5.77
N ILE A 222 -0.69 -15.63 4.55
CA ILE A 222 -0.10 -14.75 3.56
C ILE A 222 -0.82 -14.97 2.22
N TYR A 223 -1.04 -13.86 1.54
CA TYR A 223 -1.66 -13.86 0.22
C TYR A 223 -0.91 -12.84 -0.61
N ALA A 224 -0.61 -13.21 -1.85
CA ALA A 224 0.10 -12.28 -2.71
C ALA A 224 -0.48 -12.34 -4.10
N SER A 225 -0.44 -11.20 -4.81
CA SER A 225 -0.69 -11.13 -6.22
C SER A 225 0.54 -10.52 -6.83
N GLY A 226 1.10 -11.16 -7.87
CA GLY A 226 2.33 -10.69 -8.44
C GLY A 226 2.61 -11.31 -9.79
N GLY A 227 3.58 -10.73 -10.50
CA GLY A 227 3.93 -11.30 -11.79
C GLY A 227 5.32 -10.91 -12.25
N HIS A 228 5.74 -11.59 -13.33
CA HIS A 228 6.90 -11.23 -14.09
C HIS A 228 6.43 -10.47 -15.32
N ASP A 229 6.39 -9.14 -15.23
CA ASP A 229 5.67 -8.36 -16.23
C ASP A 229 6.56 -7.45 -17.07
N VAL A 230 7.78 -7.16 -16.60
CA VAL A 230 8.55 -6.08 -17.22
C VAL A 230 10.01 -6.46 -17.46
N ASN A 231 10.68 -7.09 -16.46
CA ASN A 231 12.14 -7.00 -16.37
C ASN A 231 12.83 -8.18 -17.06
N HIS A 232 14.06 -7.92 -17.51
CA HIS A 232 15.00 -8.93 -17.96
C HIS A 232 14.46 -9.74 -19.15
N MET A 233 13.54 -9.15 -19.92
CA MET A 233 12.87 -9.85 -21.01
C MET A 233 13.83 -10.07 -22.18
N ASP A 234 14.92 -9.29 -22.22
CA ASP A 234 15.90 -9.30 -23.31
C ASP A 234 17.19 -10.00 -22.91
N GLU A 235 17.17 -10.76 -21.81
CA GLU A 235 18.35 -11.49 -21.36
C GLU A 235 18.07 -12.98 -21.51
N LEU A 236 18.95 -13.70 -22.18
CA LEU A 236 18.78 -15.12 -22.35
C LEU A 236 19.91 -15.85 -21.63
N TYR A 237 19.58 -16.98 -20.99
CA TYR A 237 20.50 -17.79 -20.20
C TYR A 237 20.28 -19.24 -20.60
N GLU A 238 21.12 -19.73 -21.51
CA GLU A 238 20.89 -20.99 -22.23
C GLU A 238 19.45 -21.03 -22.75
N GLY A 239 19.04 -19.98 -23.47
CA GLY A 239 17.73 -19.96 -24.11
C GLY A 239 16.57 -19.63 -23.16
N ARG A 240 16.84 -19.55 -21.85
CA ARG A 240 15.80 -19.32 -20.87
C ARG A 240 15.75 -17.83 -20.48
N VAL A 241 14.55 -17.36 -20.19
CA VAL A 241 14.33 -16.03 -19.63
C VAL A 241 14.07 -16.17 -18.12
N SER A 242 14.58 -15.20 -17.36
CA SER A 242 14.34 -15.06 -15.92
C SER A 242 12.89 -15.39 -15.56
N ASP A 243 12.70 -16.16 -14.48
CA ASP A 243 11.37 -16.58 -14.07
C ASP A 243 10.97 -15.84 -12.79
N MET A 244 11.70 -14.78 -12.45
CA MET A 244 11.43 -14.09 -11.20
C MET A 244 10.39 -12.98 -11.35
N ILE A 245 9.61 -12.85 -10.29
CA ILE A 245 8.63 -11.80 -10.09
C ILE A 245 9.32 -10.43 -10.12
N ASP A 246 8.63 -9.43 -10.67
CA ASP A 246 9.17 -8.07 -10.64
C ASP A 246 8.19 -7.07 -10.02
N ASN A 247 7.00 -7.53 -9.64
CA ASN A 247 6.08 -6.68 -8.88
C ASN A 247 5.08 -7.53 -8.12
N ALA A 248 4.67 -7.02 -6.94
CA ALA A 248 3.77 -7.78 -6.10
C ALA A 248 3.10 -6.87 -5.07
N TYR A 249 1.91 -7.33 -4.66
CA TYR A 249 1.21 -6.86 -3.47
C TYR A 249 1.06 -8.09 -2.57
N VAL A 250 1.45 -7.97 -1.30
CA VAL A 250 1.34 -9.06 -0.35
C VAL A 250 0.58 -8.57 0.87
N VAL A 251 -0.40 -9.37 1.33
CA VAL A 251 -1.15 -9.07 2.54
C VAL A 251 -0.86 -10.16 3.57
N VAL A 252 -0.47 -9.75 4.78
CA VAL A 252 -0.04 -10.68 5.81
C VAL A 252 -0.91 -10.45 7.03
N ASP A 253 -1.55 -11.54 7.50
CA ASP A 253 -2.32 -11.50 8.75
C ASP A 253 -1.48 -12.10 9.87
N PHE A 254 -1.70 -11.61 11.10
CA PHE A 254 -0.92 -12.00 12.26
C PHE A 254 -1.85 -12.53 13.35
N LYS A 255 -1.31 -13.35 14.26
CA LYS A 255 -2.05 -14.06 15.30
C LYS A 255 -2.96 -13.09 16.06
N SER A 256 -2.37 -12.02 16.59
CA SER A 256 -3.13 -10.87 17.05
C SER A 256 -3.57 -10.20 15.76
N GLY A 257 -4.84 -9.94 15.56
CA GLY A 257 -5.33 -9.57 14.26
C GLY A 257 -4.77 -8.25 13.73
N ARG A 258 -3.46 -8.04 13.84
CA ARG A 258 -2.82 -6.96 13.10
C ARG A 258 -2.60 -7.40 11.66
N ARG A 259 -2.33 -6.43 10.77
CA ARG A 259 -2.20 -6.72 9.35
C ARG A 259 -1.13 -5.84 8.72
N ALA A 260 -0.43 -6.42 7.73
CA ALA A 260 0.60 -5.71 6.99
C ALA A 260 0.42 -5.97 5.49
N MET A 261 0.89 -5.00 4.71
CA MET A 261 0.85 -5.05 3.26
C MET A 261 2.19 -4.61 2.72
N LEU A 262 2.77 -5.44 1.86
CA LEU A 262 3.99 -5.11 1.14
C LEU A 262 3.64 -4.87 -0.33
N GLU A 263 4.06 -3.72 -0.84
CA GLU A 263 3.99 -3.42 -2.24
C GLU A 263 5.43 -3.39 -2.76
N LEU A 264 5.73 -4.19 -3.82
CA LEU A 264 7.01 -4.17 -4.50
C LEU A 264 6.86 -3.89 -5.99
N SER A 265 7.68 -2.97 -6.51
CA SER A 265 7.90 -2.84 -7.94
C SER A 265 9.40 -2.70 -8.24
N MET A 266 9.90 -3.59 -9.11
CA MET A 266 11.29 -3.59 -9.53
C MET A 266 11.43 -2.79 -10.83
N PHE A 267 10.42 -1.98 -11.17
CA PHE A 267 10.50 -1.11 -12.33
C PHE A 267 9.93 0.28 -12.03
N ALA A 268 10.18 0.76 -10.78
CA ALA A 268 9.71 2.07 -10.37
C ALA A 268 10.88 2.89 -9.81
N GLU A 269 12.00 2.85 -10.54
CA GLU A 269 13.25 3.47 -10.12
C GLU A 269 13.20 4.99 -10.30
N GLY A 270 12.17 5.50 -10.98
CA GLY A 270 12.00 6.94 -11.08
C GLY A 270 11.59 7.60 -9.77
N SER A 271 11.16 6.79 -8.78
CA SER A 271 10.68 7.31 -7.50
C SER A 271 11.85 7.84 -6.68
N LYS A 272 11.75 9.11 -6.24
CA LYS A 272 12.78 9.75 -5.44
C LYS A 272 12.98 8.96 -4.13
N PHE A 273 11.89 8.54 -3.52
CA PHE A 273 11.97 7.76 -2.29
C PHE A 273 11.76 6.29 -2.63
N GLN A 274 12.77 5.48 -2.38
CA GLN A 274 12.74 4.09 -2.83
C GLN A 274 11.89 3.28 -1.86
N GLU A 275 11.86 3.70 -0.59
CA GLU A 275 11.06 2.99 0.41
C GLU A 275 10.15 3.98 1.13
N ARG A 276 8.92 3.53 1.39
CA ARG A 276 7.97 4.18 2.26
C ARG A 276 7.47 3.14 3.25
N ILE A 277 7.52 3.44 4.55
CA ILE A 277 6.90 2.60 5.56
C ILE A 277 5.90 3.46 6.35
N SER A 278 4.66 2.97 6.47
CA SER A 278 3.66 3.64 7.28
C SER A 278 3.16 2.66 8.35
N ILE A 279 2.95 3.17 9.56
CA ILE A 279 2.39 2.37 10.65
C ILE A 279 1.20 3.14 11.23
N VAL A 280 0.03 2.48 11.29
CA VAL A 280 -1.19 3.10 11.75
C VAL A 280 -1.61 2.41 13.04
N GLY A 281 -1.72 3.22 14.09
CA GLY A 281 -2.30 2.78 15.36
C GLY A 281 -3.54 3.62 15.69
N ASP A 282 -4.17 3.26 16.82
CA ASP A 282 -5.41 3.90 17.23
C ASP A 282 -5.17 5.24 17.92
N ALA A 283 -3.92 5.67 18.11
CA ALA A 283 -3.63 7.01 18.61
C ALA A 283 -2.93 7.87 17.57
N ALA A 284 -2.14 7.26 16.68
CA ALA A 284 -1.36 8.03 15.72
C ALA A 284 -0.91 7.14 14.57
N LYS A 285 -0.48 7.81 13.52
CA LYS A 285 0.23 7.20 12.41
C LYS A 285 1.65 7.76 12.37
N ILE A 286 2.60 6.92 11.92
CA ILE A 286 3.94 7.40 11.61
C ILE A 286 4.35 6.81 10.25
N GLU A 287 5.16 7.58 9.50
CA GLU A 287 5.59 7.19 8.18
C GLU A 287 7.03 7.66 7.96
N CYS A 288 7.82 6.89 7.22
CA CYS A 288 9.15 7.33 6.83
C CYS A 288 9.32 7.18 5.32
N LEU A 289 10.19 8.00 4.76
CA LEU A 289 10.49 8.00 3.34
C LEU A 289 12.00 7.92 3.21
N ILE A 290 12.50 6.88 2.51
CA ILE A 290 13.94 6.66 2.39
C ILE A 290 14.37 6.94 0.95
N PRO A 291 15.32 7.89 0.73
CA PRO A 291 15.74 8.27 -0.63
C PRO A 291 16.50 7.16 -1.33
N VAL A 292 16.55 7.21 -2.67
CA VAL A 292 17.41 6.31 -3.42
C VAL A 292 18.85 6.56 -2.97
N ALA A 293 19.65 5.51 -2.78
CA ALA A 293 21.08 5.66 -2.47
C ALA A 293 21.76 6.57 -3.51
N ALA A 294 22.68 7.42 -3.04
CA ALA A 294 23.28 8.42 -3.93
C ALA A 294 23.98 7.77 -5.14
N SER A 295 24.49 6.53 -4.98
CA SER A 295 25.15 5.84 -6.08
C SER A 295 24.17 5.43 -7.18
N HIS A 296 22.85 5.57 -6.96
CA HIS A 296 21.88 5.23 -7.99
C HIS A 296 21.02 6.43 -8.40
N TRP A 297 21.21 7.61 -7.76
CA TRP A 297 20.33 8.75 -8.01
C TRP A 297 21.03 9.79 -8.87
N ILE A 298 20.36 10.91 -9.15
CA ILE A 298 20.95 12.04 -9.88
C ILE A 298 21.94 12.75 -8.97
N GLU A 299 23.11 13.11 -9.52
CA GLU A 299 24.14 13.84 -8.78
C GLU A 299 23.63 15.23 -8.41
N GLY A 300 23.78 15.61 -7.14
CA GLY A 300 23.39 16.93 -6.68
C GLY A 300 21.98 16.99 -6.11
N ASP A 301 21.12 16.02 -6.43
CA ASP A 301 19.75 16.01 -5.92
C ASP A 301 19.70 15.09 -4.69
N GLU A 302 20.63 15.31 -3.76
CA GLU A 302 20.70 14.53 -2.53
C GLU A 302 19.65 15.07 -1.56
N SER A 303 18.83 14.17 -1.00
CA SER A 303 17.89 14.51 0.06
C SER A 303 18.08 13.55 1.24
N GLU A 304 17.59 13.93 2.43
CA GLU A 304 17.62 13.04 3.57
C GLU A 304 16.32 12.24 3.65
N ALA A 305 16.34 11.18 4.45
CA ALA A 305 15.11 10.48 4.77
C ALA A 305 14.24 11.42 5.63
N VAL A 306 12.92 11.22 5.61
CA VAL A 306 12.00 12.05 6.37
C VAL A 306 11.15 11.11 7.24
N VAL A 307 10.84 11.55 8.46
CA VAL A 307 9.89 10.87 9.32
C VAL A 307 8.78 11.86 9.65
N GLU A 308 7.53 11.42 9.48
CA GLU A 308 6.35 12.20 9.83
C GLU A 308 5.53 11.44 10.85
N PHE A 309 5.28 12.11 11.99
CA PHE A 309 4.40 11.63 13.03
C PHE A 309 3.07 12.38 12.95
N SER A 310 1.97 11.62 12.82
CA SER A 310 0.64 12.20 12.62
C SER A 310 -0.34 11.78 13.72
N PRO A 311 -0.46 12.56 14.81
CA PRO A 311 -1.36 12.20 15.89
C PRO A 311 -2.80 12.39 15.41
N ARG A 312 -3.69 11.48 15.83
CA ARG A 312 -5.10 11.62 15.52
C ARG A 312 -5.69 12.85 16.22
N SER A 313 -5.33 13.06 17.48
CA SER A 313 -5.81 14.21 18.25
C SER A 313 -4.73 14.70 19.21
N PRO A 314 -4.39 16.00 19.22
CA PRO A 314 -4.91 16.97 18.25
C PRO A 314 -4.25 16.88 16.88
N LEU A 315 -4.94 17.39 15.85
CA LEU A 315 -4.39 17.44 14.51
C LEU A 315 -3.15 18.31 14.54
N GLY A 316 -2.09 17.85 13.90
CA GLY A 316 -0.84 18.60 13.83
C GLY A 316 0.34 17.68 13.54
N PRO A 317 0.54 17.25 12.28
CA PRO A 317 1.66 16.35 11.97
C PRO A 317 3.02 16.98 12.21
N GLU A 318 3.98 16.20 12.70
CA GLU A 318 5.35 16.65 12.93
C GLU A 318 6.28 15.94 11.95
N THR A 319 7.02 16.72 11.14
CA THR A 319 7.89 16.18 10.11
C THR A 319 9.33 16.60 10.38
N HIS A 320 10.29 15.68 10.21
CA HIS A 320 11.70 16.01 10.38
C HIS A 320 12.57 15.13 9.49
N GLU A 321 13.71 15.70 9.05
CA GLU A 321 14.71 14.96 8.29
C GLU A 321 15.49 14.11 9.29
N VAL A 322 15.94 12.92 8.88
CA VAL A 322 16.72 12.06 9.77
C VAL A 322 18.12 11.94 9.18
N PRO A 323 19.10 12.76 9.64
CA PRO A 323 20.42 12.79 9.01
C PRO A 323 21.23 11.57 9.43
N VAL A 324 22.14 11.16 8.54
CA VAL A 324 23.01 10.02 8.73
C VAL A 324 24.45 10.53 8.63
N ASP A 325 25.33 10.04 9.50
CA ASP A 325 26.75 10.36 9.38
C ASP A 325 27.22 10.15 7.93
N GLU A 326 27.98 11.12 7.41
CA GLU A 326 28.30 11.15 5.99
C GLU A 326 29.16 9.93 5.60
N ALA A 327 30.10 9.54 6.46
CA ALA A 327 30.97 8.41 6.16
C ALA A 327 30.16 7.10 6.19
N VAL A 328 29.30 6.97 7.20
CA VAL A 328 28.44 5.81 7.32
C VAL A 328 27.54 5.70 6.09
N LEU A 329 27.02 6.83 5.61
CA LEU A 329 26.09 6.79 4.50
C LEU A 329 26.85 6.44 3.22
N ALA A 330 28.07 6.96 3.08
CA ALA A 330 28.87 6.71 1.88
C ALA A 330 29.35 5.26 1.80
N ALA A 331 29.47 4.54 2.93
CA ALA A 331 30.07 3.21 2.96
C ALA A 331 29.16 2.13 2.38
N GLY A 332 27.87 2.43 2.20
CA GLY A 332 26.94 1.41 1.74
C GLY A 332 25.77 1.99 0.94
N ALA A 333 24.87 1.10 0.49
CA ALA A 333 23.73 1.50 -0.31
C ALA A 333 22.43 1.29 0.47
N HIS A 334 22.51 1.13 1.80
CA HIS A 334 21.35 0.81 2.61
C HIS A 334 21.22 1.80 3.77
N HIS A 335 21.43 3.09 3.44
CA HIS A 335 21.14 4.20 4.32
C HIS A 335 21.77 4.01 5.71
N GLY A 336 23.05 3.61 5.73
CA GLY A 336 23.84 3.58 6.94
C GLY A 336 23.64 2.31 7.78
N SER A 337 22.69 1.46 7.37
CA SER A 337 22.28 0.33 8.19
C SER A 337 23.41 -0.66 8.40
N THR A 338 24.24 -0.88 7.37
CA THR A 338 25.24 -1.94 7.44
C THR A 338 26.26 -1.64 8.53
N TYR A 339 26.57 -0.35 8.72
CA TYR A 339 27.48 0.06 9.80
C TYR A 339 26.96 -0.41 11.15
N TYR A 340 25.67 -0.15 11.44
CA TYR A 340 25.08 -0.49 12.72
C TYR A 340 25.03 -2.00 12.85
N GLU A 341 24.72 -2.71 11.75
CA GLU A 341 24.70 -4.17 11.75
C GLU A 341 26.05 -4.68 12.27
N HIS A 342 27.15 -4.07 11.82
CA HIS A 342 28.48 -4.54 12.20
C HIS A 342 28.81 -4.23 13.66
N LEU A 343 28.32 -3.10 14.18
CA LEU A 343 28.52 -2.79 15.58
C LEU A 343 27.83 -3.86 16.41
N GLY A 344 26.62 -4.27 15.97
CA GLY A 344 25.87 -5.29 16.67
C GLY A 344 26.57 -6.64 16.63
N TYR A 345 27.05 -7.03 15.44
CA TYR A 345 27.72 -8.30 15.27
C TYR A 345 29.01 -8.32 16.10
N ARG A 346 29.73 -7.21 16.07
CA ARG A 346 30.94 -7.07 16.89
C ARG A 346 30.64 -7.40 18.34
N LYS A 347 29.56 -6.82 18.89
CA LYS A 347 29.18 -7.05 20.27
C LYS A 347 28.88 -8.52 20.50
N ALA A 348 28.20 -9.18 19.57
CA ALA A 348 27.86 -10.58 19.71
C ALA A 348 29.13 -11.43 19.71
N ILE A 349 30.09 -11.06 18.86
CA ILE A 349 31.36 -11.77 18.78
C ILE A 349 32.07 -11.69 20.15
N LEU A 350 32.04 -10.52 20.80
CA LEU A 350 32.80 -10.31 22.02
C LEU A 350 32.02 -10.78 23.26
N GLY A 351 30.80 -11.28 23.08
CA GLY A 351 29.95 -11.71 24.19
C GLY A 351 29.43 -10.55 25.03
N GLU A 352 29.25 -9.39 24.42
CA GLU A 352 28.83 -8.18 25.10
C GLU A 352 27.42 -7.76 24.70
N GLY A 353 26.81 -8.51 23.79
CA GLY A 353 25.43 -8.27 23.41
C GLY A 353 24.90 -9.50 22.72
N PRO A 354 23.56 -9.60 22.54
CA PRO A 354 22.94 -10.77 21.93
C PRO A 354 22.95 -10.66 20.40
N VAL A 355 22.71 -11.80 19.75
CA VAL A 355 22.37 -11.83 18.34
C VAL A 355 20.98 -11.23 18.17
N GLU A 356 20.89 -10.05 17.52
CA GLU A 356 19.63 -9.35 17.42
C GLU A 356 18.80 -9.92 16.28
N VAL A 357 19.43 -10.46 15.23
CA VAL A 357 18.69 -11.06 14.12
C VAL A 357 19.10 -12.52 14.00
N THR A 358 18.28 -13.41 14.53
CA THR A 358 18.71 -14.80 14.72
C THR A 358 18.41 -15.64 13.49
N VAL A 359 18.85 -16.91 13.52
CA VAL A 359 18.48 -17.89 12.52
C VAL A 359 16.95 -18.05 12.50
N ALA A 360 16.30 -18.02 13.67
CA ALA A 360 14.84 -18.12 13.70
C ALA A 360 14.21 -16.96 12.93
N ASP A 361 14.78 -15.77 13.06
CA ASP A 361 14.29 -14.61 12.34
C ASP A 361 14.46 -14.84 10.83
N GLY A 362 15.66 -15.28 10.41
CA GLY A 362 15.89 -15.61 9.03
C GLY A 362 14.89 -16.62 8.48
N LEU A 363 14.70 -17.73 9.20
CA LEU A 363 13.80 -18.78 8.77
C LEU A 363 12.37 -18.26 8.57
N GLN A 364 11.84 -17.52 9.57
CA GLN A 364 10.51 -16.95 9.46
C GLN A 364 10.43 -16.05 8.22
N SER A 365 11.45 -15.19 8.02
CA SER A 365 11.46 -14.27 6.90
C SER A 365 11.43 -15.06 5.58
N VAL A 366 12.21 -16.16 5.50
CA VAL A 366 12.27 -16.96 4.28
C VAL A 366 10.94 -17.67 4.05
N ARG A 367 10.41 -18.33 5.10
CA ARG A 367 9.17 -19.07 4.99
C ARG A 367 8.03 -18.16 4.56
N MET A 368 8.07 -16.91 5.02
CA MET A 368 7.04 -15.93 4.64
C MET A 368 7.18 -15.63 3.14
N GLY A 369 8.40 -15.32 2.69
CA GLY A 369 8.67 -15.11 1.27
C GLY A 369 8.27 -16.33 0.41
N LEU A 370 8.57 -17.54 0.91
CA LEU A 370 8.27 -18.76 0.18
C LEU A 370 6.76 -18.93 0.04
N ALA A 371 6.04 -18.60 1.12
CA ALA A 371 4.59 -18.69 1.10
C ALA A 371 4.02 -17.67 0.11
N ALA A 372 4.55 -16.46 0.13
CA ALA A 372 4.13 -15.44 -0.80
C ALA A 372 4.35 -15.86 -2.25
N GLU A 373 5.51 -16.44 -2.57
CA GLU A 373 5.80 -16.89 -3.94
C GLU A 373 4.77 -17.94 -4.36
N ARG A 374 4.49 -18.90 -3.45
CA ARG A 374 3.55 -19.96 -3.75
C ARG A 374 2.16 -19.36 -3.93
N SER A 375 1.78 -18.40 -3.07
CA SER A 375 0.51 -17.72 -3.19
C SER A 375 0.33 -17.13 -4.58
N ILE A 376 1.34 -16.43 -5.08
CA ILE A 376 1.27 -15.86 -6.40
C ILE A 376 1.00 -16.96 -7.44
N ILE A 377 1.68 -18.10 -7.30
CA ILE A 377 1.59 -19.13 -8.34
C ILE A 377 0.23 -19.81 -8.28
N GLU A 378 -0.30 -20.02 -7.07
CA GLU A 378 -1.48 -20.87 -6.90
C GLU A 378 -2.77 -20.05 -6.77
N GLY A 379 -2.67 -18.73 -6.69
CA GLY A 379 -3.83 -17.86 -6.54
C GLY A 379 -4.66 -18.13 -5.27
N ARG A 380 -4.03 -18.71 -4.23
CA ARG A 380 -4.66 -18.94 -2.95
C ARG A 380 -3.78 -18.41 -1.82
N PRO A 381 -4.37 -18.08 -0.65
CA PRO A 381 -3.60 -17.75 0.54
C PRO A 381 -2.84 -18.97 1.00
N VAL A 382 -1.77 -18.75 1.79
CA VAL A 382 -0.98 -19.82 2.37
C VAL A 382 -0.96 -19.64 3.88
N GLU A 383 -1.34 -20.70 4.60
CA GLU A 383 -1.36 -20.69 6.06
C GLU A 383 0.06 -20.94 6.57
N LEU A 384 0.47 -20.24 7.62
CA LEU A 384 1.73 -20.50 8.30
C LEU A 384 1.49 -20.99 9.72
N LEU A 385 2.39 -21.83 10.22
CA LEU A 385 2.44 -22.21 11.64
C LEU A 385 3.39 -21.25 12.39
N ARG B 23 -30.84 27.48 -20.42
CA ARG B 23 -31.73 26.29 -20.30
C ARG B 23 -31.75 25.83 -18.84
N THR B 24 -32.92 25.95 -18.22
CA THR B 24 -33.08 25.73 -16.79
C THR B 24 -33.53 24.29 -16.55
N ILE B 25 -32.93 23.64 -15.56
CA ILE B 25 -33.35 22.31 -15.14
C ILE B 25 -33.93 22.40 -13.73
N ARG B 26 -35.13 21.84 -13.59
CA ARG B 26 -35.80 21.74 -12.30
C ARG B 26 -35.38 20.43 -11.61
N TYR B 27 -34.68 20.55 -10.47
CA TYR B 27 -34.16 19.40 -9.76
C TYR B 27 -35.03 19.08 -8.54
N GLY B 28 -35.33 17.78 -8.37
CA GLY B 28 -35.91 17.25 -7.16
C GLY B 28 -34.91 16.43 -6.35
N LEU B 29 -34.77 16.74 -5.06
CA LEU B 29 -33.86 15.99 -4.19
C LEU B 29 -34.67 15.04 -3.31
N ILE B 30 -34.33 13.76 -3.33
CA ILE B 30 -34.98 12.76 -2.49
C ILE B 30 -33.95 12.36 -1.44
N GLY B 31 -34.18 12.72 -0.18
CA GLY B 31 -33.13 12.67 0.84
C GLY B 31 -32.53 14.07 0.96
N ALA B 32 -32.60 14.68 2.16
CA ALA B 32 -32.20 16.08 2.35
C ALA B 32 -31.25 16.22 3.55
N GLY B 33 -30.19 15.40 3.55
CA GLY B 33 -29.23 15.41 4.65
C GLY B 33 -27.88 16.01 4.27
N HIS B 34 -26.81 15.43 4.82
CA HIS B 34 -25.46 15.96 4.63
C HIS B 34 -25.07 16.04 3.14
N MET B 35 -25.13 14.91 2.42
CA MET B 35 -24.65 14.91 1.05
C MET B 35 -25.59 15.74 0.16
N ALA B 36 -26.90 15.70 0.46
CA ALA B 36 -27.87 16.50 -0.27
C ALA B 36 -27.46 17.97 -0.26
N ARG B 37 -27.01 18.46 0.91
CA ARG B 37 -26.59 19.84 1.03
C ARG B 37 -25.34 20.09 0.20
N GLU B 38 -24.45 19.09 0.08
CA GLU B 38 -23.33 19.20 -0.84
C GLU B 38 -23.86 19.31 -2.28
N HIS B 39 -24.85 18.49 -2.64
CA HIS B 39 -25.44 18.59 -3.96
C HIS B 39 -25.96 20.02 -4.20
N VAL B 40 -26.69 20.54 -3.20
CA VAL B 40 -27.25 21.88 -3.26
C VAL B 40 -26.17 22.93 -3.56
N ARG B 41 -25.09 22.94 -2.77
CA ARG B 41 -24.06 23.97 -2.90
C ARG B 41 -23.38 23.88 -4.27
N ASN B 42 -23.27 22.66 -4.81
CA ASN B 42 -22.64 22.49 -6.11
C ASN B 42 -23.59 22.92 -7.24
N LEU B 43 -24.88 22.57 -7.13
CA LEU B 43 -25.84 23.03 -8.14
C LEU B 43 -25.86 24.55 -8.19
N ALA B 44 -25.67 25.19 -7.03
CA ALA B 44 -25.71 26.64 -6.95
C ALA B 44 -24.62 27.29 -7.81
N LEU B 45 -23.61 26.52 -8.24
CA LEU B 45 -22.50 27.05 -9.00
C LEU B 45 -22.72 26.82 -10.49
N ILE B 46 -23.84 26.21 -10.86
CA ILE B 46 -24.08 25.84 -12.25
C ILE B 46 -25.32 26.56 -12.77
N PRO B 47 -25.16 27.61 -13.60
CA PRO B 47 -26.31 28.35 -14.14
C PRO B 47 -27.34 27.43 -14.78
N GLY B 48 -28.62 27.75 -14.54
CA GLY B 48 -29.73 26.94 -15.02
C GLY B 48 -30.09 25.79 -14.07
N SER B 49 -29.55 25.81 -12.85
CA SER B 49 -29.84 24.77 -11.86
C SER B 49 -30.83 25.30 -10.83
N LEU B 50 -32.10 24.89 -10.93
CA LEU B 50 -33.12 25.32 -9.97
C LEU B 50 -33.65 24.09 -9.22
N ILE B 51 -33.55 24.11 -7.89
CA ILE B 51 -34.18 23.10 -7.07
C ILE B 51 -35.62 23.53 -6.83
N THR B 52 -36.57 22.66 -7.17
CA THR B 52 -37.98 22.98 -7.06
C THR B 52 -38.67 22.10 -6.02
N ALA B 53 -38.10 20.94 -5.70
CA ALA B 53 -38.77 19.98 -4.83
C ALA B 53 -37.72 19.21 -4.02
N VAL B 54 -38.02 18.99 -2.74
CA VAL B 54 -37.15 18.26 -1.84
C VAL B 54 -38.03 17.33 -0.99
N SER B 55 -37.60 16.08 -0.76
CA SER B 55 -38.35 15.11 0.01
C SER B 55 -37.45 14.49 1.07
N ASP B 56 -38.00 14.29 2.27
CA ASP B 56 -37.27 13.71 3.39
C ASP B 56 -38.29 13.40 4.46
N PRO B 57 -38.30 12.19 5.06
CA PRO B 57 -39.23 11.88 6.15
C PRO B 57 -38.98 12.63 7.45
N GLN B 58 -37.85 13.37 7.54
CA GLN B 58 -37.50 14.12 8.73
C GLN B 58 -37.50 15.63 8.41
N PRO B 59 -38.47 16.41 8.95
CA PRO B 59 -38.53 17.85 8.70
C PRO B 59 -37.35 18.66 9.22
N SER B 60 -36.63 18.18 10.24
CA SER B 60 -35.45 18.91 10.69
C SER B 60 -34.39 18.88 9.59
N SER B 61 -34.32 17.78 8.82
CA SER B 61 -33.45 17.72 7.65
C SER B 61 -33.92 18.71 6.58
N LEU B 62 -35.23 18.77 6.30
CA LEU B 62 -35.73 19.66 5.27
C LEU B 62 -35.42 21.11 5.64
N GLU B 63 -35.58 21.45 6.93
CA GLU B 63 -35.36 22.80 7.39
C GLU B 63 -33.91 23.20 7.12
N GLU B 64 -32.97 22.33 7.53
CA GLU B 64 -31.55 22.57 7.30
C GLU B 64 -31.26 22.72 5.80
N THR B 65 -31.81 21.82 4.96
CA THR B 65 -31.45 21.78 3.55
C THR B 65 -32.07 22.99 2.82
N VAL B 66 -33.31 23.35 3.18
CA VAL B 66 -33.96 24.49 2.56
C VAL B 66 -33.19 25.77 2.91
N ALA B 67 -32.74 25.89 4.17
CA ALA B 67 -31.89 27.03 4.53
C ALA B 67 -30.66 27.09 3.62
N GLU B 68 -30.06 25.93 3.34
CA GLU B 68 -28.88 25.86 2.49
C GLU B 68 -29.25 26.29 1.07
N ILE B 69 -30.43 25.90 0.58
CA ILE B 69 -30.86 26.26 -0.77
C ILE B 69 -30.96 27.79 -0.87
N GLY B 70 -31.62 28.40 0.12
CA GLY B 70 -31.70 29.84 0.22
C GLY B 70 -32.84 30.47 -0.59
N TYR B 71 -33.80 29.65 -1.06
CA TYR B 71 -34.96 30.19 -1.76
C TYR B 71 -36.08 29.17 -1.59
N GLU B 72 -37.31 29.52 -1.98
CA GLU B 72 -38.46 28.71 -1.64
C GLU B 72 -38.53 27.49 -2.54
N VAL B 73 -38.79 26.32 -1.94
CA VAL B 73 -39.04 25.11 -2.70
C VAL B 73 -40.26 24.42 -2.10
N THR B 74 -40.87 23.48 -2.83
CA THR B 74 -41.91 22.64 -2.29
C THR B 74 -41.26 21.44 -1.58
N THR B 75 -41.76 21.10 -0.39
CA THR B 75 -41.23 19.94 0.32
C THR B 75 -42.29 18.86 0.47
N PHE B 76 -41.82 17.63 0.69
CA PHE B 76 -42.67 16.46 0.80
C PHE B 76 -42.04 15.47 1.77
N PRO B 77 -42.76 14.86 2.71
CA PRO B 77 -42.20 13.77 3.50
C PRO B 77 -41.85 12.51 2.68
N ASP B 78 -42.58 12.28 1.57
CA ASP B 78 -42.47 11.05 0.80
C ASP B 78 -42.15 11.36 -0.66
N HIS B 79 -41.17 10.64 -1.21
CA HIS B 79 -40.71 10.87 -2.58
C HIS B 79 -41.81 10.59 -3.62
N ARG B 80 -42.72 9.67 -3.30
CA ARG B 80 -43.75 9.31 -4.25
C ARG B 80 -44.63 10.52 -4.55
N GLU B 81 -44.86 11.40 -3.58
CA GLU B 81 -45.63 12.61 -3.87
C GLU B 81 -44.80 13.55 -4.75
N LEU B 82 -43.49 13.66 -4.47
CA LEU B 82 -42.60 14.47 -5.30
C LEU B 82 -42.62 13.98 -6.75
N LEU B 83 -42.64 12.66 -6.95
CA LEU B 83 -42.52 12.08 -8.29
C LEU B 83 -43.70 12.43 -9.19
N VAL B 84 -44.88 12.69 -8.61
CA VAL B 84 -46.07 12.95 -9.39
C VAL B 84 -46.48 14.42 -9.24
N SER B 85 -45.54 15.26 -8.77
CA SER B 85 -45.81 16.64 -8.43
C SER B 85 -45.87 17.52 -9.67
N GLY B 86 -45.30 17.07 -10.78
CA GLY B 86 -45.16 17.95 -11.93
C GLY B 86 -44.10 19.04 -11.78
N LEU B 87 -43.31 19.02 -10.70
CA LEU B 87 -42.39 20.12 -10.43
C LEU B 87 -40.97 19.89 -10.97
N VAL B 88 -40.64 18.70 -11.49
CA VAL B 88 -39.24 18.31 -11.65
C VAL B 88 -38.93 17.75 -13.03
N ASP B 89 -37.71 18.07 -13.51
CA ASP B 89 -37.16 17.51 -14.73
C ASP B 89 -36.15 16.39 -14.46
N ALA B 90 -35.55 16.37 -13.26
CA ALA B 90 -34.44 15.49 -12.95
C ALA B 90 -34.35 15.28 -11.44
N LEU B 91 -33.88 14.09 -11.03
CA LEU B 91 -33.87 13.69 -9.64
C LEU B 91 -32.43 13.51 -9.14
N VAL B 92 -32.26 13.72 -7.82
CA VAL B 92 -31.07 13.33 -7.09
C VAL B 92 -31.50 12.55 -5.85
N ILE B 93 -30.96 11.34 -5.67
CA ILE B 93 -31.23 10.54 -4.48
C ILE B 93 -30.03 10.63 -3.52
N ALA B 94 -30.27 11.11 -2.28
CA ALA B 94 -29.23 11.19 -1.28
C ALA B 94 -29.76 10.65 0.05
N SER B 95 -30.48 9.55 -0.05
CA SER B 95 -31.06 8.88 1.09
C SER B 95 -30.12 7.77 1.56
N PRO B 96 -30.35 7.11 2.71
CA PRO B 96 -29.47 6.01 3.14
C PRO B 96 -29.37 4.90 2.13
N ASN B 97 -28.20 4.26 2.10
CA ASN B 97 -27.81 3.30 1.10
C ASN B 97 -28.90 2.23 0.85
N ASP B 98 -29.51 1.72 1.92
CA ASP B 98 -30.40 0.59 1.81
C ASP B 98 -31.77 1.03 1.32
N THR B 99 -31.96 2.33 1.08
CA THR B 99 -33.22 2.80 0.53
C THR B 99 -33.13 3.06 -0.99
N HIS B 100 -31.93 3.02 -1.55
CA HIS B 100 -31.73 3.42 -2.94
C HIS B 100 -32.55 2.55 -3.89
N LEU B 101 -32.56 1.23 -3.72
CA LEU B 101 -33.23 0.38 -4.69
C LEU B 101 -34.74 0.64 -4.63
N ASP B 102 -35.29 0.79 -3.41
CA ASP B 102 -36.73 0.98 -3.25
C ASP B 102 -37.17 2.25 -3.97
N ILE B 103 -36.40 3.33 -3.79
CA ILE B 103 -36.71 4.59 -4.41
C ILE B 103 -36.54 4.49 -5.92
N LEU B 104 -35.51 3.75 -6.37
CA LEU B 104 -35.29 3.60 -7.80
C LEU B 104 -36.49 2.88 -8.43
N LYS B 105 -37.02 1.85 -7.74
CA LYS B 105 -38.15 1.10 -8.24
C LYS B 105 -39.37 2.00 -8.42
N ASP B 106 -39.62 2.91 -7.47
CA ASP B 106 -40.72 3.84 -7.59
C ASP B 106 -40.48 4.76 -8.79
N ILE B 107 -39.23 5.18 -9.02
CA ILE B 107 -38.90 6.01 -10.17
C ILE B 107 -39.11 5.21 -11.46
N PHE B 108 -38.75 3.92 -11.44
CA PHE B 108 -38.86 3.09 -12.64
C PHE B 108 -40.32 2.83 -13.02
N SER B 109 -41.21 2.80 -12.00
CA SER B 109 -42.64 2.58 -12.17
C SER B 109 -43.41 3.87 -12.41
N ASN B 110 -42.79 5.04 -12.30
CA ASN B 110 -43.50 6.31 -12.35
C ASN B 110 -44.03 6.49 -13.78
N GLN B 111 -45.17 7.18 -13.94
CA GLN B 111 -45.67 7.49 -15.27
C GLN B 111 -44.72 8.49 -15.93
N MET B 112 -44.20 9.44 -15.16
CA MET B 112 -43.14 10.30 -15.67
C MET B 112 -41.79 9.64 -15.38
N LYS B 113 -41.04 9.38 -16.46
CA LYS B 113 -39.73 8.74 -16.42
C LYS B 113 -38.67 9.84 -16.46
N LEU B 114 -38.03 10.07 -15.31
CA LEU B 114 -37.11 11.17 -15.09
C LEU B 114 -35.68 10.64 -15.00
N PRO B 115 -34.69 11.41 -15.47
CA PRO B 115 -33.29 11.16 -15.12
C PRO B 115 -33.08 11.15 -13.60
N VAL B 116 -32.15 10.30 -13.16
CA VAL B 116 -31.78 10.14 -11.75
C VAL B 116 -30.27 10.17 -11.63
N LEU B 117 -29.77 10.99 -10.70
CA LEU B 117 -28.45 10.82 -10.10
C LEU B 117 -28.64 10.13 -8.75
N VAL B 118 -28.30 8.83 -8.67
CA VAL B 118 -28.47 8.09 -7.42
C VAL B 118 -27.11 8.00 -6.70
N GLU B 119 -27.10 8.33 -5.43
CA GLU B 119 -25.88 8.32 -4.65
C GLU B 119 -25.34 6.90 -4.53
N LYS B 120 -24.00 6.86 -4.42
CA LYS B 120 -23.20 5.68 -4.13
C LYS B 120 -23.76 5.07 -2.85
N PRO B 121 -23.34 3.86 -2.47
CA PRO B 121 -23.55 2.62 -3.21
C PRO B 121 -24.92 2.59 -3.88
N VAL B 122 -24.95 2.12 -5.12
CA VAL B 122 -26.21 2.09 -5.85
C VAL B 122 -27.15 1.10 -5.15
N CYS B 123 -26.61 0.08 -4.49
CA CYS B 123 -27.42 -0.82 -3.68
C CYS B 123 -26.49 -1.48 -2.66
N THR B 124 -27.02 -2.38 -1.83
CA THR B 124 -26.30 -2.77 -0.62
C THR B 124 -26.13 -4.29 -0.48
N THR B 125 -26.83 -5.08 -1.29
CA THR B 125 -26.71 -6.53 -1.21
C THR B 125 -26.61 -7.15 -2.60
N ALA B 126 -26.24 -8.44 -2.62
CA ALA B 126 -26.13 -9.19 -3.87
C ALA B 126 -27.51 -9.34 -4.52
N ALA B 127 -28.54 -9.59 -3.71
CA ALA B 127 -29.90 -9.75 -4.21
C ALA B 127 -30.42 -8.43 -4.77
N GLN B 128 -30.08 -7.32 -4.10
CA GLN B 128 -30.49 -6.02 -4.61
C GLN B 128 -29.82 -5.77 -5.95
N ALA B 129 -28.54 -6.13 -6.07
CA ALA B 129 -27.78 -5.89 -7.30
C ALA B 129 -28.41 -6.68 -8.46
N ASP B 130 -28.73 -7.96 -8.21
CA ASP B 130 -29.35 -8.79 -9.23
C ASP B 130 -30.66 -8.14 -9.70
N GLU B 131 -31.51 -7.75 -8.74
CA GLU B 131 -32.81 -7.18 -9.08
C GLU B 131 -32.60 -5.84 -9.82
N LEU B 132 -31.74 -4.97 -9.32
CA LEU B 132 -31.52 -3.68 -9.94
C LEU B 132 -31.05 -3.87 -11.38
N GLU B 133 -30.20 -4.88 -11.61
CA GLU B 133 -29.68 -5.10 -12.95
C GLU B 133 -30.81 -5.35 -13.96
N SER B 134 -31.79 -6.21 -13.63
CA SER B 134 -32.93 -6.42 -14.53
C SER B 134 -33.69 -5.11 -14.73
N LEU B 135 -34.07 -4.44 -13.63
CA LEU B 135 -34.96 -3.29 -13.75
C LEU B 135 -34.31 -2.12 -14.50
N ALA B 136 -33.03 -1.83 -14.24
CA ALA B 136 -32.40 -0.64 -14.80
C ALA B 136 -32.23 -0.80 -16.30
N ALA B 137 -31.98 -2.05 -16.70
CA ALA B 137 -31.86 -2.41 -18.10
C ALA B 137 -33.13 -2.02 -18.87
N GLY B 138 -34.31 -2.08 -18.22
CA GLY B 138 -35.58 -1.72 -18.86
C GLY B 138 -36.03 -0.29 -18.62
N TYR B 139 -35.22 0.57 -17.98
CA TYR B 139 -35.64 1.95 -17.72
C TYR B 139 -35.09 2.89 -18.79
N SER B 140 -35.90 3.81 -19.28
CA SER B 140 -35.58 4.54 -20.50
C SER B 140 -34.87 5.87 -20.27
N ALA B 141 -34.73 6.34 -19.03
CA ALA B 141 -34.11 7.63 -18.77
C ALA B 141 -32.74 7.44 -18.11
N PRO B 142 -31.82 8.41 -18.24
CA PRO B 142 -30.49 8.29 -17.66
C PRO B 142 -30.51 7.96 -16.17
N VAL B 143 -29.71 7.00 -15.76
CA VAL B 143 -29.44 6.72 -14.36
C VAL B 143 -27.93 6.77 -14.16
N TRP B 144 -27.49 7.81 -13.42
CA TRP B 144 -26.09 8.09 -13.14
C TRP B 144 -25.82 7.76 -11.68
N VAL B 145 -24.82 6.92 -11.41
CA VAL B 145 -24.44 6.59 -10.06
C VAL B 145 -23.37 7.57 -9.62
N ALA B 146 -23.59 8.23 -8.48
CA ALA B 146 -22.88 9.47 -8.13
C ALA B 146 -21.53 9.16 -7.49
N MET B 147 -20.70 8.41 -8.21
CA MET B 147 -19.35 8.15 -7.75
C MET B 147 -18.46 9.18 -8.44
N GLU B 148 -18.14 10.25 -7.71
CA GLU B 148 -17.63 11.49 -8.28
C GLU B 148 -16.10 11.59 -8.22
N TYR B 149 -15.41 10.64 -7.56
CA TYR B 149 -14.00 10.86 -7.22
C TYR B 149 -13.13 11.06 -8.48
N ARG B 150 -13.53 10.42 -9.61
CA ARG B 150 -12.76 10.51 -10.84
C ARG B 150 -12.63 11.98 -11.30
N TYR B 151 -13.51 12.87 -10.82
CA TYR B 151 -13.50 14.25 -11.29
C TYR B 151 -12.66 15.13 -10.39
N MET B 152 -12.09 14.58 -9.30
CA MET B 152 -11.15 15.37 -8.51
C MET B 152 -10.00 15.76 -9.44
N PRO B 153 -9.69 17.06 -9.65
CA PRO B 153 -8.69 17.45 -10.64
C PRO B 153 -7.38 16.64 -10.56
N PRO B 154 -6.75 16.41 -9.38
CA PRO B 154 -5.58 15.54 -9.33
C PRO B 154 -5.85 14.16 -9.89
N VAL B 155 -7.03 13.59 -9.60
CA VAL B 155 -7.31 12.22 -10.03
C VAL B 155 -7.49 12.19 -11.55
N GLN B 156 -8.08 13.25 -12.10
CA GLN B 156 -8.28 13.37 -13.54
C GLN B 156 -6.92 13.37 -14.25
N GLU B 157 -5.92 14.06 -13.67
CA GLU B 157 -4.58 14.08 -14.25
C GLU B 157 -4.00 12.68 -14.32
N LEU B 158 -4.14 11.90 -13.24
CA LEU B 158 -3.61 10.54 -13.20
C LEU B 158 -4.29 9.64 -14.22
N ILE B 159 -5.62 9.78 -14.34
CA ILE B 159 -6.39 8.98 -15.27
C ILE B 159 -5.91 9.27 -16.70
N GLN B 160 -5.70 10.56 -17.02
CA GLN B 160 -5.33 10.96 -18.37
C GLN B 160 -3.92 10.45 -18.67
N ALA B 161 -3.01 10.55 -17.69
CA ALA B 161 -1.65 10.06 -17.85
C ALA B 161 -1.66 8.55 -18.11
N ALA B 162 -2.45 7.80 -17.33
CA ALA B 162 -2.51 6.36 -17.51
C ALA B 162 -3.11 6.02 -18.87
N HIS B 163 -4.28 6.60 -19.16
CA HIS B 163 -5.01 6.28 -20.38
C HIS B 163 -4.22 6.76 -21.60
N GLY B 164 -3.45 7.84 -21.45
CA GLY B 164 -2.76 8.44 -22.58
C GLY B 164 -1.36 7.86 -22.83
N GLY B 165 -0.97 6.83 -22.07
CA GLY B 165 0.27 6.11 -22.34
C GLY B 165 1.52 6.70 -21.70
N LYS B 166 1.40 7.79 -20.91
CA LYS B 166 2.56 8.45 -20.32
C LYS B 166 3.29 7.57 -19.30
N LEU B 167 2.67 6.45 -18.87
CA LEU B 167 3.29 5.57 -17.91
C LEU B 167 3.76 4.29 -18.59
N GLY B 168 3.59 4.21 -19.91
CA GLY B 168 3.77 2.96 -20.65
C GLY B 168 2.66 1.98 -20.30
N ASN B 169 2.94 0.67 -20.36
CA ASN B 169 1.96 -0.33 -19.95
C ASN B 169 1.78 -0.22 -18.44
N VAL B 170 0.52 -0.11 -18.00
CA VAL B 170 0.22 0.06 -16.59
C VAL B 170 0.08 -1.33 -15.96
N PHE B 171 0.68 -1.54 -14.78
CA PHE B 171 0.65 -2.82 -14.09
C PHE B 171 0.06 -2.72 -12.69
N MET B 172 0.27 -1.60 -11.98
CA MET B 172 -0.10 -1.53 -10.58
C MET B 172 -0.82 -0.21 -10.25
N LEU B 173 -1.86 -0.30 -9.42
CA LEU B 173 -2.59 0.85 -8.91
C LEU B 173 -2.76 0.68 -7.41
N SER B 174 -2.18 1.61 -6.64
CA SER B 174 -2.33 1.62 -5.19
C SER B 174 -3.20 2.80 -4.80
N ILE B 175 -4.17 2.56 -3.91
CA ILE B 175 -5.05 3.60 -3.39
C ILE B 175 -5.02 3.47 -1.88
N VAL B 176 -4.66 4.57 -1.20
CA VAL B 176 -4.59 4.60 0.25
C VAL B 176 -5.53 5.68 0.75
N GLU B 177 -6.51 5.30 1.56
CA GLU B 177 -7.33 6.29 2.23
C GLU B 177 -7.16 6.21 3.76
N HIS B 178 -6.71 7.35 4.29
CA HIS B 178 -6.46 7.53 5.72
C HIS B 178 -7.29 8.68 6.24
N ARG B 179 -8.35 8.35 6.99
CA ARG B 179 -9.36 9.36 7.34
C ARG B 179 -9.93 9.11 8.74
N PHE B 180 -10.95 9.93 9.08
CA PHE B 180 -11.63 9.92 10.35
C PHE B 180 -12.75 8.89 10.36
N PRO B 181 -13.23 8.49 11.55
CA PRO B 181 -14.34 7.52 11.64
C PRO B 181 -15.58 8.05 10.92
N PHE B 182 -16.46 7.13 10.53
CA PHE B 182 -17.73 7.50 9.93
C PHE B 182 -18.45 8.52 10.81
N LEU B 183 -18.94 9.60 10.17
CA LEU B 183 -19.60 10.67 10.90
C LEU B 183 -20.96 10.18 11.43
N HIS B 184 -21.48 10.91 12.42
CA HIS B 184 -22.83 10.67 12.93
C HIS B 184 -23.84 11.10 11.86
N LYS B 185 -24.89 10.32 11.70
CA LYS B 185 -25.89 10.53 10.66
C LYS B 185 -27.30 10.45 11.24
N VAL B 186 -28.29 10.92 10.46
CA VAL B 186 -29.70 10.80 10.83
C VAL B 186 -30.05 9.34 11.05
N ASP B 187 -30.61 9.03 12.22
CA ASP B 187 -31.02 7.69 12.62
C ASP B 187 -29.83 6.76 12.69
N ALA B 188 -28.61 7.31 12.84
CA ALA B 188 -27.40 6.51 12.88
C ALA B 188 -27.41 5.42 11.80
N TRP B 189 -27.77 5.76 10.56
CA TRP B 189 -28.00 4.75 9.52
C TRP B 189 -26.70 4.06 9.08
N ASN B 190 -25.54 4.72 9.24
CA ASN B 190 -24.28 4.23 8.69
C ASN B 190 -23.47 3.40 9.70
N ARG B 191 -24.10 2.83 10.72
CA ARG B 191 -23.35 2.16 11.76
C ARG B 191 -23.42 0.65 11.62
N PHE B 192 -24.38 0.11 10.83
CA PHE B 192 -24.50 -1.34 10.71
C PHE B 192 -24.38 -1.78 9.25
N ASN B 193 -23.76 -2.95 9.06
CA ASN B 193 -23.59 -3.54 7.74
C ASN B 193 -24.95 -3.71 7.07
N GLU B 194 -25.99 -4.02 7.88
CA GLU B 194 -27.32 -4.31 7.35
C GLU B 194 -27.89 -3.09 6.63
N ARG B 195 -27.42 -1.88 6.94
CA ARG B 195 -27.96 -0.68 6.31
C ARG B 195 -27.01 -0.11 5.26
N THR B 196 -25.72 -0.46 5.33
CA THR B 196 -24.69 0.22 4.55
C THR B 196 -24.18 -0.64 3.41
N GLY B 197 -24.29 -1.96 3.57
CA GLY B 197 -23.66 -2.94 2.68
C GLY B 197 -22.26 -3.32 3.15
N GLY B 198 -21.85 -2.77 4.31
CA GLY B 198 -20.49 -2.89 4.80
C GLY B 198 -19.61 -1.70 4.41
N THR B 199 -18.52 -1.51 5.16
CA THR B 199 -17.58 -0.43 4.90
C THR B 199 -17.04 -0.46 3.47
N LEU B 200 -16.70 -1.66 2.97
CA LEU B 200 -16.04 -1.76 1.67
C LEU B 200 -17.01 -1.50 0.53
N VAL B 201 -18.31 -1.47 0.83
CA VAL B 201 -19.32 -1.05 -0.12
C VAL B 201 -19.57 0.45 0.06
N GLU B 202 -19.91 0.86 1.30
CA GLU B 202 -20.28 2.23 1.63
C GLU B 202 -19.14 3.18 1.28
N LYS B 203 -17.91 2.87 1.70
CA LYS B 203 -16.82 3.83 1.56
C LYS B 203 -15.93 3.48 0.38
N CYS B 204 -15.86 2.19 -0.02
CA CYS B 204 -14.83 1.79 -0.96
C CYS B 204 -15.38 1.49 -2.36
N CYS B 205 -16.69 1.55 -2.57
CA CYS B 205 -17.20 1.47 -3.92
C CYS B 205 -16.47 2.47 -4.82
N HIS B 206 -16.23 3.71 -4.33
CA HIS B 206 -15.55 4.73 -5.11
C HIS B 206 -14.21 4.20 -5.65
N PHE B 207 -13.48 3.47 -4.79
CA PHE B 207 -12.14 3.02 -5.10
C PHE B 207 -12.17 1.83 -6.06
N PHE B 208 -13.09 0.89 -5.86
CA PHE B 208 -13.22 -0.23 -6.79
C PHE B 208 -13.57 0.28 -8.18
N ASP B 209 -14.43 1.29 -8.24
CA ASP B 209 -14.79 1.90 -9.51
C ASP B 209 -13.57 2.57 -10.16
N LEU B 210 -12.79 3.35 -9.39
CA LEU B 210 -11.56 3.96 -9.91
C LEU B 210 -10.61 2.90 -10.46
N MET B 211 -10.54 1.74 -9.82
CA MET B 211 -9.68 0.68 -10.29
C MET B 211 -10.10 0.28 -11.70
N ARG B 212 -11.42 0.04 -11.92
CA ARG B 212 -11.90 -0.39 -13.22
C ARG B 212 -11.67 0.72 -14.24
N LEU B 213 -11.90 1.97 -13.84
CA LEU B 213 -11.70 3.07 -14.76
C LEU B 213 -10.23 3.21 -15.16
N ILE B 214 -9.33 3.27 -14.16
CA ILE B 214 -7.93 3.55 -14.41
C ILE B 214 -7.30 2.43 -15.22
N LEU B 215 -7.55 1.16 -14.82
CA LEU B 215 -6.92 0.02 -15.44
C LEU B 215 -7.66 -0.47 -16.69
N GLN B 216 -8.87 0.05 -16.93
CA GLN B 216 -9.62 -0.27 -18.13
C GLN B 216 -9.78 -1.78 -18.25
N ASP B 217 -10.29 -2.40 -17.21
CA ASP B 217 -10.32 -3.85 -17.14
C ASP B 217 -11.32 -4.28 -16.08
N GLU B 218 -11.62 -5.58 -16.03
CA GLU B 218 -12.59 -6.11 -15.09
C GLU B 218 -11.87 -6.95 -14.06
N PRO B 219 -12.30 -6.94 -12.79
CA PRO B 219 -11.67 -7.78 -11.77
C PRO B 219 -12.00 -9.25 -12.00
N THR B 220 -11.09 -10.15 -11.61
CA THR B 220 -11.36 -11.57 -11.65
C THR B 220 -11.35 -12.16 -10.25
N ARG B 221 -10.65 -11.51 -9.33
CA ARG B 221 -10.39 -12.05 -8.02
C ARG B 221 -10.14 -10.91 -7.01
N ILE B 222 -10.66 -11.07 -5.79
CA ILE B 222 -10.50 -10.10 -4.72
C ILE B 222 -10.18 -10.84 -3.42
N TYR B 223 -9.22 -10.26 -2.69
CA TYR B 223 -8.79 -10.76 -1.40
C TYR B 223 -8.65 -9.58 -0.46
N ALA B 224 -9.16 -9.74 0.75
CA ALA B 224 -9.13 -8.65 1.70
C ALA B 224 -8.81 -9.21 3.08
N SER B 225 -8.05 -8.43 3.85
CA SER B 225 -7.90 -8.61 5.28
C SER B 225 -8.41 -7.34 5.96
N GLY B 226 -9.24 -7.49 6.98
CA GLY B 226 -9.82 -6.31 7.60
C GLY B 226 -10.41 -6.62 8.96
N GLY B 227 -10.62 -5.57 9.74
CA GLY B 227 -11.18 -5.72 11.07
C GLY B 227 -12.03 -4.51 11.47
N HIS B 228 -12.85 -4.75 12.48
CA HIS B 228 -13.44 -3.69 13.28
C HIS B 228 -12.62 -3.61 14.57
N ASP B 229 -11.63 -2.73 14.59
CA ASP B 229 -10.60 -2.77 15.61
C ASP B 229 -10.63 -1.57 16.56
N VAL B 230 -11.23 -0.44 16.15
CA VAL B 230 -11.01 0.79 16.88
C VAL B 230 -12.30 1.58 17.11
N ASN B 231 -13.17 1.72 16.10
CA ASN B 231 -14.12 2.82 16.06
C ASN B 231 -15.49 2.47 16.67
N HIS B 232 -16.14 3.50 17.22
CA HIS B 232 -17.54 3.45 17.63
C HIS B 232 -17.76 2.40 18.72
N MET B 233 -16.73 2.11 19.51
CA MET B 233 -16.85 1.05 20.51
C MET B 233 -17.70 1.54 21.70
N ASP B 234 -17.89 2.87 21.80
CA ASP B 234 -18.59 3.48 22.93
C ASP B 234 -20.00 3.92 22.53
N GLU B 235 -20.47 3.50 21.34
CA GLU B 235 -21.78 3.91 20.85
C GLU B 235 -22.69 2.70 20.86
N LEU B 236 -23.74 2.72 21.67
CA LEU B 236 -24.54 1.53 21.88
C LEU B 236 -25.93 1.72 21.29
N TYR B 237 -26.45 0.67 20.65
CA TYR B 237 -27.80 0.60 20.11
C TYR B 237 -28.46 -0.67 20.61
N GLU B 238 -29.29 -0.52 21.65
CA GLU B 238 -29.82 -1.63 22.42
C GLU B 238 -28.67 -2.57 22.79
N GLY B 239 -27.61 -2.02 23.38
CA GLY B 239 -26.48 -2.80 23.87
C GLY B 239 -25.53 -3.32 22.77
N ARG B 240 -25.87 -3.09 21.49
CA ARG B 240 -25.06 -3.59 20.38
C ARG B 240 -24.15 -2.47 19.86
N VAL B 241 -22.95 -2.86 19.44
CA VAL B 241 -21.96 -1.98 18.86
C VAL B 241 -22.00 -2.13 17.34
N SER B 242 -21.63 -1.07 16.61
CA SER B 242 -21.37 -1.10 15.17
C SER B 242 -20.62 -2.37 14.78
N ASP B 243 -21.02 -2.99 13.66
CA ASP B 243 -20.40 -4.23 13.20
C ASP B 243 -19.55 -3.95 11.94
N MET B 244 -19.28 -2.69 11.64
CA MET B 244 -18.59 -2.35 10.41
C MET B 244 -17.07 -2.28 10.58
N ILE B 245 -16.38 -2.74 9.53
CA ILE B 245 -14.94 -2.66 9.36
C ILE B 245 -14.44 -1.22 9.48
N ASP B 246 -13.26 -1.03 10.08
CA ASP B 246 -12.66 0.30 10.15
C ASP B 246 -11.24 0.33 9.59
N ASN B 247 -10.72 -0.81 9.16
CA ASN B 247 -9.47 -0.82 8.42
C ASN B 247 -9.38 -2.09 7.58
N ALA B 248 -8.76 -1.93 6.40
CA ALA B 248 -8.62 -3.08 5.53
C ALA B 248 -7.51 -2.88 4.51
N TYR B 249 -7.02 -4.04 4.06
CA TYR B 249 -6.16 -4.15 2.89
C TYR B 249 -6.88 -5.03 1.88
N VAL B 250 -7.00 -4.56 0.63
CA VAL B 250 -7.67 -5.31 -0.41
C VAL B 250 -6.76 -5.41 -1.63
N VAL B 251 -6.64 -6.61 -2.22
CA VAL B 251 -5.84 -6.84 -3.41
C VAL B 251 -6.77 -7.37 -4.51
N VAL B 252 -6.78 -6.69 -5.66
CA VAL B 252 -7.70 -7.02 -6.72
C VAL B 252 -6.91 -7.37 -7.97
N ASP B 253 -7.18 -8.56 -8.52
CA ASP B 253 -6.55 -9.01 -9.74
C ASP B 253 -7.50 -8.79 -10.92
N PHE B 254 -6.94 -8.53 -12.10
CA PHE B 254 -7.72 -8.15 -13.27
C PHE B 254 -7.50 -9.15 -14.40
N LYS B 255 -8.46 -9.23 -15.33
CA LYS B 255 -8.43 -10.18 -16.45
C LYS B 255 -7.11 -10.11 -17.20
N SER B 256 -6.66 -8.89 -17.54
CA SER B 256 -5.44 -8.66 -18.26
C SER B 256 -4.16 -8.92 -17.44
N GLY B 257 -4.27 -9.23 -16.14
CA GLY B 257 -3.09 -9.46 -15.33
C GLY B 257 -2.58 -8.23 -14.58
N ARG B 258 -3.26 -7.08 -14.70
CA ARG B 258 -2.91 -5.94 -13.87
C ARG B 258 -3.40 -6.14 -12.45
N ARG B 259 -2.89 -5.35 -11.48
CA ARG B 259 -3.23 -5.56 -10.08
C ARG B 259 -3.36 -4.22 -9.37
N ALA B 260 -4.23 -4.21 -8.35
CA ALA B 260 -4.50 -3.02 -7.56
C ALA B 260 -4.59 -3.42 -6.09
N MET B 261 -4.30 -2.46 -5.23
CA MET B 261 -4.43 -2.65 -3.80
C MET B 261 -5.00 -1.38 -3.17
N LEU B 262 -5.99 -1.61 -2.31
CA LEU B 262 -6.62 -0.57 -1.53
C LEU B 262 -6.22 -0.78 -0.08
N GLU B 263 -5.72 0.29 0.52
CA GLU B 263 -5.53 0.35 1.96
C GLU B 263 -6.50 1.37 2.52
N LEU B 264 -7.26 0.96 3.54
CA LEU B 264 -8.20 1.85 4.24
C LEU B 264 -7.94 1.86 5.74
N SER B 265 -7.82 3.06 6.32
CA SER B 265 -7.95 3.23 7.76
C SER B 265 -8.93 4.35 8.08
N MET B 266 -9.94 4.02 8.90
CA MET B 266 -10.93 4.97 9.36
C MET B 266 -10.51 5.55 10.73
N PHE B 267 -9.23 5.40 11.09
CA PHE B 267 -8.70 6.00 12.32
C PHE B 267 -7.31 6.57 12.08
N ALA B 268 -7.13 7.22 10.94
CA ALA B 268 -5.86 7.85 10.59
C ALA B 268 -6.09 9.29 10.15
N GLU B 269 -6.91 10.00 10.94
CA GLU B 269 -7.30 11.37 10.58
C GLU B 269 -6.19 12.37 10.84
N GLY B 270 -5.13 11.93 11.52
CA GLY B 270 -3.90 12.68 11.70
C GLY B 270 -3.18 13.01 10.40
N SER B 271 -3.39 12.20 9.36
CA SER B 271 -2.66 12.30 8.10
C SER B 271 -3.11 13.53 7.31
N LYS B 272 -2.13 14.35 6.92
CA LYS B 272 -2.39 15.58 6.20
C LYS B 272 -3.06 15.27 4.86
N PHE B 273 -2.57 14.22 4.20
CA PHE B 273 -3.11 13.78 2.94
C PHE B 273 -4.00 12.56 3.19
N GLN B 274 -5.26 12.72 2.85
CA GLN B 274 -6.26 11.73 3.19
C GLN B 274 -6.22 10.63 2.13
N GLU B 275 -5.93 11.03 0.89
CA GLU B 275 -5.84 10.05 -0.20
C GLU B 275 -4.47 10.12 -0.86
N ARG B 276 -3.91 8.93 -1.12
CA ARG B 276 -2.70 8.77 -1.91
C ARG B 276 -3.03 7.76 -3.00
N ILE B 277 -2.80 8.13 -4.26
CA ILE B 277 -3.01 7.21 -5.37
C ILE B 277 -1.73 7.14 -6.19
N SER B 278 -1.24 5.91 -6.41
CA SER B 278 -0.02 5.71 -7.17
C SER B 278 -0.30 4.72 -8.30
N ILE B 279 0.23 5.03 -9.49
CA ILE B 279 0.08 4.14 -10.64
C ILE B 279 1.49 3.87 -11.18
N VAL B 280 1.85 2.59 -11.29
CA VAL B 280 3.18 2.21 -11.77
C VAL B 280 3.02 1.52 -13.12
N GLY B 281 3.69 2.08 -14.14
CA GLY B 281 3.81 1.45 -15.43
C GLY B 281 5.27 1.14 -15.76
N ASP B 282 5.51 0.50 -16.92
CA ASP B 282 6.84 0.08 -17.32
C ASP B 282 7.64 1.24 -17.93
N ALA B 283 7.06 2.44 -18.04
CA ALA B 283 7.84 3.60 -18.46
C ALA B 283 7.91 4.66 -17.36
N ALA B 284 6.94 4.70 -16.45
CA ALA B 284 6.92 5.74 -15.44
C ALA B 284 5.98 5.37 -14.32
N LYS B 285 6.10 6.12 -13.21
CA LYS B 285 5.14 6.12 -12.13
C LYS B 285 4.51 7.51 -12.02
N ILE B 286 3.22 7.55 -11.64
CA ILE B 286 2.61 8.81 -11.24
C ILE B 286 1.89 8.61 -9.91
N GLU B 287 1.82 9.67 -9.11
CA GLU B 287 1.21 9.61 -7.79
C GLU B 287 0.56 10.96 -7.48
N CYS B 288 -0.59 10.94 -6.80
CA CYS B 288 -1.17 12.16 -6.28
C CYS B 288 -1.41 12.05 -4.78
N LEU B 289 -1.37 13.21 -4.11
CA LEU B 289 -1.69 13.31 -2.71
C LEU B 289 -2.82 14.34 -2.56
N ILE B 290 -3.94 13.89 -1.95
CA ILE B 290 -5.12 14.74 -1.80
C ILE B 290 -5.29 15.14 -0.33
N PRO B 291 -5.31 16.46 -0.03
CA PRO B 291 -5.40 16.93 1.36
C PRO B 291 -6.78 16.71 1.98
N VAL B 292 -6.81 16.62 3.32
CA VAL B 292 -8.05 16.63 4.06
C VAL B 292 -8.84 17.89 3.70
N ALA B 293 -10.15 17.76 3.48
CA ALA B 293 -11.01 18.90 3.19
C ALA B 293 -10.90 19.93 4.33
N ALA B 294 -10.93 21.21 3.96
CA ALA B 294 -10.64 22.28 4.92
C ALA B 294 -11.59 22.23 6.12
N SER B 295 -12.82 21.80 5.92
CA SER B 295 -13.80 21.71 7.01
C SER B 295 -13.42 20.67 8.06
N HIS B 296 -12.40 19.83 7.82
CA HIS B 296 -12.01 18.84 8.81
C HIS B 296 -10.55 19.00 9.26
N TRP B 297 -9.86 20.04 8.80
CA TRP B 297 -8.43 20.16 9.05
C TRP B 297 -8.15 21.35 9.97
N ILE B 298 -6.89 21.58 10.31
CA ILE B 298 -6.41 22.74 11.07
C ILE B 298 -6.66 24.01 10.24
N GLU B 299 -7.15 25.07 10.89
CA GLU B 299 -7.43 26.35 10.24
C GLU B 299 -6.11 26.99 9.81
N GLY B 300 -6.03 27.42 8.54
CA GLY B 300 -4.83 28.07 8.03
C GLY B 300 -3.86 27.13 7.34
N ASP B 301 -3.77 25.86 7.76
CA ASP B 301 -2.80 24.92 7.23
C ASP B 301 -3.35 24.27 5.97
N GLU B 302 -3.82 25.11 5.04
CA GLU B 302 -4.53 24.67 3.85
C GLU B 302 -3.48 24.28 2.82
N SER B 303 -3.61 23.06 2.27
CA SER B 303 -2.69 22.59 1.25
C SER B 303 -3.45 22.24 -0.02
N GLU B 304 -2.76 22.37 -1.17
CA GLU B 304 -3.28 21.88 -2.42
C GLU B 304 -2.88 20.42 -2.61
N ALA B 305 -3.63 19.74 -3.47
CA ALA B 305 -3.22 18.41 -3.88
C ALA B 305 -1.94 18.54 -4.70
N VAL B 306 -1.13 17.47 -4.72
CA VAL B 306 0.12 17.47 -5.47
C VAL B 306 0.13 16.26 -6.39
N VAL B 307 0.66 16.43 -7.62
CA VAL B 307 0.85 15.31 -8.53
C VAL B 307 2.34 15.24 -8.87
N GLU B 308 2.89 14.02 -8.74
CA GLU B 308 4.28 13.77 -9.04
C GLU B 308 4.39 12.73 -10.16
N PHE B 309 5.06 13.13 -11.25
CA PHE B 309 5.35 12.26 -12.37
C PHE B 309 6.81 11.81 -12.31
N SER B 310 7.04 10.49 -12.30
CA SER B 310 8.37 9.92 -12.05
C SER B 310 8.79 8.97 -13.19
N PRO B 311 9.43 9.50 -14.27
CA PRO B 311 9.90 8.65 -15.35
C PRO B 311 10.98 7.69 -14.85
N ARG B 312 10.98 6.46 -15.38
CA ARG B 312 12.02 5.51 -15.09
C ARG B 312 13.35 5.99 -15.66
N SER B 313 13.32 6.55 -16.87
CA SER B 313 14.49 7.05 -17.56
C SER B 313 14.08 8.21 -18.49
N PRO B 314 14.76 9.37 -18.44
CA PRO B 314 15.78 9.64 -17.43
C PRO B 314 15.20 9.93 -16.05
N LEU B 315 15.99 9.63 -15.02
CA LEU B 315 15.66 9.97 -13.65
C LEU B 315 15.39 11.47 -13.56
N GLY B 316 14.36 11.85 -12.83
CA GLY B 316 14.01 13.26 -12.71
C GLY B 316 12.52 13.42 -12.48
N PRO B 317 12.04 13.27 -11.24
CA PRO B 317 10.61 13.45 -10.94
C PRO B 317 10.16 14.89 -11.16
N GLU B 318 8.93 15.06 -11.66
CA GLU B 318 8.32 16.38 -11.83
C GLU B 318 7.13 16.46 -10.87
N THR B 319 7.10 17.52 -10.05
CA THR B 319 6.05 17.68 -9.05
C THR B 319 5.33 19.00 -9.26
N HIS B 320 3.99 19.01 -9.12
CA HIS B 320 3.24 20.25 -9.19
C HIS B 320 1.98 20.17 -8.32
N GLU B 321 1.60 21.32 -7.76
CA GLU B 321 0.33 21.49 -7.09
C GLU B 321 -0.76 21.56 -8.13
N VAL B 322 -1.95 21.04 -7.82
CA VAL B 322 -3.06 21.07 -8.76
C VAL B 322 -4.14 21.96 -8.16
N PRO B 323 -4.27 23.22 -8.63
CA PRO B 323 -5.22 24.16 -8.02
C PRO B 323 -6.65 23.84 -8.40
N VAL B 324 -7.59 24.13 -7.50
CA VAL B 324 -9.01 23.92 -7.71
C VAL B 324 -9.69 25.24 -7.47
N ASP B 325 -10.67 25.60 -8.31
CA ASP B 325 -11.39 26.84 -8.13
C ASP B 325 -11.88 26.95 -6.67
N GLU B 326 -11.73 28.15 -6.06
CA GLU B 326 -11.95 28.31 -4.63
C GLU B 326 -13.41 28.02 -4.28
N ALA B 327 -14.33 28.49 -5.12
CA ALA B 327 -15.76 28.26 -4.89
C ALA B 327 -16.10 26.78 -5.04
N VAL B 328 -15.56 26.14 -6.08
CA VAL B 328 -15.78 24.72 -6.32
C VAL B 328 -15.28 23.92 -5.12
N LEU B 329 -14.12 24.29 -4.58
CA LEU B 329 -13.54 23.51 -3.50
C LEU B 329 -14.35 23.75 -2.22
N ALA B 330 -14.82 24.99 -2.02
CA ALA B 330 -15.58 25.33 -0.83
C ALA B 330 -16.98 24.69 -0.82
N ALA B 331 -17.53 24.33 -1.99
CA ALA B 331 -18.90 23.82 -2.07
C ALA B 331 -19.03 22.38 -1.56
N GLY B 332 -17.92 21.67 -1.37
CA GLY B 332 -18.00 20.24 -1.08
C GLY B 332 -16.79 19.76 -0.30
N ALA B 333 -16.82 18.50 0.14
CA ALA B 333 -15.72 17.93 0.91
C ALA B 333 -14.98 16.87 0.07
N HIS B 334 -15.11 16.91 -1.26
CA HIS B 334 -14.55 15.90 -2.13
C HIS B 334 -13.72 16.57 -3.24
N HIS B 335 -13.02 17.64 -2.87
CA HIS B 335 -11.98 18.26 -3.68
C HIS B 335 -12.54 18.66 -5.06
N GLY B 336 -13.72 19.31 -5.07
CA GLY B 336 -14.29 19.88 -6.28
C GLY B 336 -14.97 18.86 -7.21
N SER B 337 -14.90 17.56 -6.86
CA SER B 337 -15.39 16.52 -7.74
C SER B 337 -16.90 16.64 -7.99
N THR B 338 -17.65 17.05 -6.96
CA THR B 338 -19.11 17.04 -7.07
C THR B 338 -19.58 18.04 -8.13
N TYR B 339 -18.83 19.15 -8.27
CA TYR B 339 -19.17 20.15 -9.26
C TYR B 339 -19.12 19.54 -10.66
N TYR B 340 -18.02 18.82 -10.97
CA TYR B 340 -17.84 18.23 -12.29
C TYR B 340 -18.88 17.15 -12.51
N GLU B 341 -19.20 16.39 -11.46
CA GLU B 341 -20.23 15.36 -11.54
C GLU B 341 -21.52 15.98 -12.07
N HIS B 342 -21.86 17.17 -11.57
CA HIS B 342 -23.12 17.82 -11.93
C HIS B 342 -23.09 18.36 -13.34
N LEU B 343 -21.93 18.82 -13.81
CA LEU B 343 -21.82 19.31 -15.18
C LEU B 343 -22.12 18.15 -16.13
N GLY B 344 -21.61 16.97 -15.77
CA GLY B 344 -21.82 15.78 -16.57
C GLY B 344 -23.28 15.34 -16.53
N TYR B 345 -23.88 15.37 -15.33
CA TYR B 345 -25.27 14.91 -15.18
C TYR B 345 -26.19 15.86 -15.94
N ARG B 346 -25.88 17.15 -15.88
CA ARG B 346 -26.63 18.16 -16.63
C ARG B 346 -26.70 17.78 -18.10
N LYS B 347 -25.54 17.43 -18.69
CA LYS B 347 -25.48 17.05 -20.10
C LYS B 347 -26.36 15.84 -20.36
N ALA B 348 -26.34 14.85 -19.44
CA ALA B 348 -27.13 13.65 -19.62
C ALA B 348 -28.62 13.98 -19.60
N ILE B 349 -29.01 14.89 -18.70
CA ILE B 349 -30.38 15.32 -18.58
C ILE B 349 -30.84 15.99 -19.89
N LEU B 350 -30.00 16.80 -20.53
CA LEU B 350 -30.42 17.54 -21.70
C LEU B 350 -30.28 16.70 -22.98
N GLY B 351 -29.82 15.45 -22.87
CA GLY B 351 -29.60 14.59 -24.03
C GLY B 351 -28.41 15.05 -24.87
N GLU B 352 -27.41 15.64 -24.23
CA GLU B 352 -26.25 16.20 -24.91
C GLU B 352 -24.97 15.55 -24.45
N GLY B 353 -25.10 14.42 -23.77
CA GLY B 353 -23.91 13.75 -23.28
C GLY B 353 -24.29 12.45 -22.65
N PRO B 354 -23.33 11.52 -22.52
CA PRO B 354 -23.64 10.18 -22.01
C PRO B 354 -23.56 10.15 -20.49
N VAL B 355 -24.20 9.14 -19.89
CA VAL B 355 -24.00 8.83 -18.50
C VAL B 355 -22.60 8.22 -18.35
N GLU B 356 -21.71 8.94 -17.65
CA GLU B 356 -20.32 8.48 -17.57
C GLU B 356 -20.17 7.41 -16.50
N VAL B 357 -21.03 7.44 -15.47
CA VAL B 357 -20.97 6.45 -14.40
C VAL B 357 -22.31 5.75 -14.32
N THR B 358 -22.40 4.56 -14.91
CA THR B 358 -23.67 3.91 -15.17
C THR B 358 -24.03 3.01 -13.99
N VAL B 359 -25.23 2.46 -14.06
CA VAL B 359 -25.67 1.43 -13.13
C VAL B 359 -24.74 0.22 -13.20
N ALA B 360 -24.26 -0.14 -14.41
CA ALA B 360 -23.31 -1.23 -14.54
C ALA B 360 -22.05 -0.94 -13.72
N ASP B 361 -21.55 0.29 -13.81
CA ASP B 361 -20.40 0.71 -13.01
C ASP B 361 -20.69 0.54 -11.52
N GLY B 362 -21.87 1.02 -11.07
CA GLY B 362 -22.22 0.91 -9.66
C GLY B 362 -22.29 -0.54 -9.20
N LEU B 363 -22.89 -1.40 -10.02
CA LEU B 363 -23.07 -2.81 -9.66
C LEU B 363 -21.72 -3.50 -9.51
N GLN B 364 -20.79 -3.25 -10.45
CA GLN B 364 -19.44 -3.82 -10.34
C GLN B 364 -18.79 -3.35 -9.04
N SER B 365 -18.86 -2.04 -8.77
CA SER B 365 -18.30 -1.46 -7.56
C SER B 365 -18.85 -2.17 -6.31
N VAL B 366 -20.17 -2.39 -6.28
CA VAL B 366 -20.81 -2.99 -5.12
C VAL B 366 -20.42 -4.46 -5.00
N ARG B 367 -20.46 -5.19 -6.11
CA ARG B 367 -20.10 -6.60 -6.13
C ARG B 367 -18.64 -6.77 -5.69
N MET B 368 -17.79 -5.84 -6.08
CA MET B 368 -16.40 -5.86 -5.63
C MET B 368 -16.32 -5.65 -4.11
N GLY B 369 -17.03 -4.62 -3.60
CA GLY B 369 -17.09 -4.40 -2.16
C GLY B 369 -17.65 -5.61 -1.41
N LEU B 370 -18.71 -6.22 -1.97
CA LEU B 370 -19.35 -7.37 -1.34
C LEU B 370 -18.41 -8.57 -1.32
N ALA B 371 -17.67 -8.77 -2.41
CA ALA B 371 -16.67 -9.84 -2.47
C ALA B 371 -15.55 -9.60 -1.44
N ALA B 372 -15.08 -8.36 -1.34
CA ALA B 372 -14.11 -8.02 -0.33
C ALA B 372 -14.61 -8.31 1.09
N GLU B 373 -15.87 -7.94 1.41
CA GLU B 373 -16.41 -8.19 2.74
C GLU B 373 -16.45 -9.70 3.00
N ARG B 374 -16.84 -10.48 2.00
CA ARG B 374 -16.92 -11.93 2.13
C ARG B 374 -15.51 -12.50 2.29
N SER B 375 -14.55 -11.96 1.54
CA SER B 375 -13.14 -12.36 1.68
C SER B 375 -12.68 -12.20 3.13
N ILE B 376 -12.97 -11.05 3.73
CA ILE B 376 -12.57 -10.82 5.12
C ILE B 376 -13.15 -11.90 6.02
N ILE B 377 -14.43 -12.26 5.81
CA ILE B 377 -15.11 -13.18 6.70
C ILE B 377 -14.55 -14.59 6.53
N GLU B 378 -14.25 -14.98 5.28
CA GLU B 378 -13.95 -16.36 4.95
C GLU B 378 -12.45 -16.62 4.86
N GLY B 379 -11.60 -15.59 4.89
CA GLY B 379 -10.16 -15.76 4.76
C GLY B 379 -9.71 -16.43 3.46
N ARG B 380 -10.54 -16.30 2.40
CA ARG B 380 -10.23 -16.81 1.07
C ARG B 380 -10.46 -15.69 0.05
N PRO B 381 -9.79 -15.75 -1.12
CA PRO B 381 -10.08 -14.84 -2.22
C PRO B 381 -11.46 -15.20 -2.76
N VAL B 382 -12.10 -14.24 -3.45
CA VAL B 382 -13.43 -14.42 -4.01
C VAL B 382 -13.35 -14.07 -5.49
N GLU B 383 -13.81 -15.01 -6.33
CA GLU B 383 -13.79 -14.84 -7.77
C GLU B 383 -15.00 -13.99 -8.17
N LEU B 384 -14.79 -13.10 -9.15
CA LEU B 384 -15.86 -12.36 -9.79
C LEU B 384 -16.02 -12.83 -11.23
N LEU B 385 -17.27 -12.91 -11.71
CA LEU B 385 -17.59 -13.25 -13.10
C LEU B 385 -17.97 -11.99 -13.88
#